data_3TZC
#
_entry.id   3TZC
#
_cell.length_a   62.353
_cell.length_b   62.353
_cell.length_c   383.381
_cell.angle_alpha   90.000
_cell.angle_beta   90.000
_cell.angle_gamma   120.000
#
_symmetry.space_group_name_H-M   'P 61'
#
loop_
_entity.id
_entity.type
_entity.pdbx_description
1 polymer '3-oxoacyl-[acyl-carrier protein] reductase'
2 non-polymer 'NADP NICOTINAMIDE-ADENINE-DINUCLEOTIDE PHOSPHATE'
3 non-polymer 'SULFATE ION'
4 water water
#
_entity_poly.entity_id   1
_entity_poly.type   'polypeptide(L)'
_entity_poly.pdbx_seq_one_letter_code
;SNAMSQFMNLEGKVALVTGASRGIGKAIAELLAERGAKVIGTATSESGAQAISDYLGDNGKGMALNVTNPESIEAVLKAI
TDEFGGVDILVNNAGITRDNLLMRMKEEEWSDIMETNLTSIFRLSKAVLRGMMKKRQGRIINVGSVVGTMGNAGQANFAA
AKAGVIGFTKSMAREVASRGVTVNTVAPGFIETDMTKALNDEQRTATLAQVPAGRLGDPREIASAVAFLASPEAAYITGE
TLHVNGGMYMI
;
_entity_poly.pdbx_strand_id   A,B,C,D
#
loop_
_chem_comp.id
_chem_comp.type
_chem_comp.name
_chem_comp.formula
NAP non-polymer 'NADP NICOTINAMIDE-ADENINE-DINUCLEOTIDE PHOSPHATE' 'C21 H28 N7 O17 P3'
SO4 non-polymer 'SULFATE ION' 'O4 S -2'
#
# COMPACT_ATOMS: atom_id res chain seq x y z
N SER A 5 9.13 -1.70 18.83
CA SER A 5 8.47 -1.49 20.14
C SER A 5 7.83 -2.76 20.70
N GLN A 6 7.25 -2.65 21.90
CA GLN A 6 6.58 -3.78 22.57
C GLN A 6 5.21 -4.10 21.99
N PHE A 7 4.80 -3.36 20.96
CA PHE A 7 3.48 -3.53 20.39
C PHE A 7 3.50 -4.55 19.26
N MET A 8 2.71 -5.61 19.39
CA MET A 8 2.64 -6.67 18.39
C MET A 8 4.02 -7.22 18.14
N ASN A 9 4.69 -7.57 19.21
CA ASN A 9 6.06 -8.01 19.16
C ASN A 9 6.02 -9.52 19.37
N LEU A 10 6.53 -10.26 18.39
CA LEU A 10 6.55 -11.74 18.45
C LEU A 10 7.95 -12.29 18.75
N GLU A 11 8.87 -11.42 19.19
CA GLU A 11 10.23 -11.83 19.48
C GLU A 11 10.24 -12.93 20.52
N GLY A 12 10.96 -14.01 20.23
CA GLY A 12 11.05 -15.13 21.16
C GLY A 12 9.95 -16.16 20.95
N LYS A 13 9.13 -15.98 19.91
CA LYS A 13 8.05 -16.90 19.61
C LYS A 13 8.40 -17.74 18.40
N VAL A 14 8.16 -19.04 18.48
CA VAL A 14 8.45 -19.99 17.41
C VAL A 14 7.17 -20.29 16.68
N ALA A 15 7.12 -19.97 15.42
CA ALA A 15 5.88 -20.04 14.67
C ALA A 15 6.03 -21.05 13.57
N LEU A 16 5.13 -22.04 13.53
CA LEU A 16 5.10 -23.00 12.41
C LEU A 16 3.98 -22.65 11.40
N VAL A 17 4.34 -22.33 10.17
CA VAL A 17 3.37 -21.96 9.15
C VAL A 17 3.34 -23.00 8.03
N THR A 18 2.23 -23.72 7.90
CA THR A 18 2.14 -24.78 6.87
C THR A 18 1.74 -24.20 5.53
N GLY A 19 2.28 -24.73 4.43
CA GLY A 19 1.95 -24.24 3.10
C GLY A 19 2.50 -22.85 2.84
N ALA A 20 3.77 -22.64 3.21
CA ALA A 20 4.35 -21.30 3.26
C ALA A 20 5.15 -20.89 2.05
N SER A 21 5.05 -21.64 0.94
CA SER A 21 5.96 -21.42 -0.18
C SER A 21 5.52 -20.25 -1.06
N ARG A 22 4.24 -19.88 -1.03
CA ARG A 22 3.76 -18.76 -1.83
C ARG A 22 2.43 -18.18 -1.32
N GLY A 23 2.03 -17.08 -1.95
CA GLY A 23 0.74 -16.44 -1.70
C GLY A 23 0.46 -16.12 -0.24
N ILE A 24 -0.69 -16.59 0.24
CA ILE A 24 -1.13 -16.32 1.59
C ILE A 24 -0.13 -16.85 2.60
N GLY A 25 0.33 -18.09 2.40
CA GLY A 25 1.24 -18.72 3.34
C GLY A 25 2.58 -18.03 3.48
N LYS A 26 3.15 -17.63 2.35
CA LYS A 26 4.38 -16.86 2.36
C LYS A 26 4.19 -15.45 2.97
N ALA A 27 3.07 -14.81 2.71
CA ALA A 27 2.84 -13.47 3.33
C ALA A 27 2.78 -13.61 4.84
N ILE A 28 2.08 -14.66 5.34
CA ILE A 28 1.98 -14.92 6.76
C ILE A 28 3.34 -15.11 7.36
N ALA A 29 4.12 -16.02 6.79
CA ALA A 29 5.46 -16.31 7.30
C ALA A 29 6.38 -15.08 7.29
N GLU A 30 6.32 -14.29 6.23
CA GLU A 30 7.15 -13.06 6.16
C GLU A 30 6.77 -12.05 7.22
N LEU A 31 5.48 -11.84 7.43
CA LEU A 31 5.04 -10.85 8.41
C LEU A 31 5.35 -11.32 9.81
N LEU A 32 5.08 -12.58 10.11
CA LEU A 32 5.48 -13.12 11.42
C LEU A 32 6.95 -12.89 11.66
N ALA A 33 7.75 -13.08 10.65
CA ALA A 33 9.22 -12.85 10.79
C ALA A 33 9.55 -11.35 11.01
N GLU A 34 8.91 -10.47 10.25
CA GLU A 34 9.05 -9.03 10.46
C GLU A 34 8.81 -8.62 11.89
N ARG A 35 7.85 -9.27 12.55
CA ARG A 35 7.46 -8.89 13.88
C ARG A 35 8.24 -9.62 14.95
N GLY A 36 9.27 -10.37 14.53
CA GLY A 36 10.24 -10.98 15.46
C GLY A 36 10.08 -12.47 15.69
N ALA A 37 9.09 -13.11 15.06
CA ALA A 37 8.93 -14.53 15.34
C ALA A 37 10.05 -15.32 14.68
N LYS A 38 10.44 -16.44 15.29
CA LYS A 38 11.33 -17.38 14.62
C LYS A 38 10.41 -18.30 13.81
N VAL A 39 10.43 -18.19 12.47
CA VAL A 39 9.42 -18.84 11.60
C VAL A 39 9.93 -20.09 10.88
N ILE A 40 9.21 -21.19 11.05
CA ILE A 40 9.41 -22.36 10.24
C ILE A 40 8.19 -22.53 9.34
N GLY A 41 8.40 -22.34 8.04
CA GLY A 41 7.42 -22.63 7.03
C GLY A 41 7.66 -23.99 6.37
N THR A 42 6.60 -24.55 5.78
CA THR A 42 6.68 -25.85 5.19
C THR A 42 6.18 -25.86 3.74
N ALA A 43 6.77 -26.77 2.96
CA ALA A 43 6.30 -27.12 1.64
C ALA A 43 6.31 -28.65 1.51
N THR A 44 5.77 -29.17 0.41
CA THR A 44 5.75 -30.61 0.18
C THR A 44 7.12 -31.17 -0.26
N SER A 45 7.94 -30.34 -0.91
CA SER A 45 9.25 -30.80 -1.41
C SER A 45 10.40 -30.10 -0.71
N GLU A 46 11.62 -30.62 -0.93
CA GLU A 46 12.84 -30.04 -0.34
C GLU A 46 13.27 -28.74 -1.02
N SER A 47 12.92 -28.60 -2.30
CA SER A 47 13.17 -27.35 -3.04
C SER A 47 12.15 -26.27 -2.61
N GLY A 48 10.99 -26.70 -2.15
CA GLY A 48 10.01 -25.81 -1.53
C GLY A 48 10.62 -25.29 -0.25
N ALA A 49 11.01 -26.24 0.61
CA ALA A 49 11.66 -25.95 1.88
C ALA A 49 12.85 -25.00 1.71
N GLN A 50 13.69 -25.28 0.73
CA GLN A 50 14.89 -24.48 0.48
C GLN A 50 14.56 -23.06 0.07
N ALA A 51 13.51 -22.89 -0.73
CA ALA A 51 13.05 -21.56 -1.15
C ALA A 51 12.49 -20.75 0.03
N ILE A 52 11.78 -21.44 0.94
CA ILE A 52 11.32 -20.83 2.19
C ILE A 52 12.52 -20.44 3.07
N SER A 53 13.57 -21.27 3.09
CA SER A 53 14.77 -20.92 3.83
C SER A 53 15.42 -19.66 3.26
N ASP A 54 15.42 -19.56 1.93
CA ASP A 54 15.98 -18.42 1.25
C ASP A 54 15.33 -17.10 1.64
N TYR A 55 13.99 -17.04 1.65
CA TYR A 55 13.29 -15.75 1.86
C TYR A 55 13.15 -15.40 3.37
N LEU A 56 13.24 -16.40 4.24
CA LEU A 56 13.26 -16.18 5.70
C LEU A 56 14.62 -15.76 6.22
N GLY A 57 15.68 -16.35 5.66
CA GLY A 57 17.07 -15.99 6.05
C GLY A 57 17.34 -16.35 7.49
N ASP A 58 17.91 -15.40 8.22
CA ASP A 58 18.23 -15.60 9.64
C ASP A 58 16.98 -15.68 10.53
N ASN A 59 15.83 -15.24 10.02
CA ASN A 59 14.59 -15.23 10.83
C ASN A 59 13.87 -16.59 10.89
N GLY A 60 14.37 -17.60 10.19
CA GLY A 60 13.76 -18.93 10.27
C GLY A 60 14.27 -19.93 9.25
N LYS A 61 13.45 -20.94 8.96
CA LYS A 61 13.75 -21.89 7.92
C LYS A 61 12.53 -22.60 7.36
N GLY A 62 12.78 -23.31 6.26
CA GLY A 62 11.79 -24.14 5.63
C GLY A 62 12.05 -25.60 5.94
N MET A 63 10.98 -26.38 6.07
CA MET A 63 11.12 -27.82 6.20
C MET A 63 10.10 -28.48 5.32
N ALA A 64 10.43 -29.70 4.86
CA ALA A 64 9.46 -30.52 4.10
C ALA A 64 8.50 -31.13 5.09
N LEU A 65 7.22 -31.08 4.75
CA LEU A 65 6.17 -31.66 5.60
C LEU A 65 5.01 -32.11 4.72
N ASN A 66 4.56 -33.34 4.94
CA ASN A 66 3.30 -33.82 4.37
C ASN A 66 2.27 -33.86 5.50
N VAL A 67 1.29 -32.96 5.44
CA VAL A 67 0.32 -32.79 6.53
C VAL A 67 -0.60 -34.01 6.70
N THR A 68 -0.74 -34.81 5.65
CA THR A 68 -1.55 -36.04 5.74
C THR A 68 -0.83 -37.23 6.41
N ASN A 69 0.46 -37.09 6.76
CA ASN A 69 1.27 -38.22 7.26
C ASN A 69 1.76 -38.02 8.70
N PRO A 70 1.21 -38.80 9.64
CA PRO A 70 1.60 -38.66 11.06
C PRO A 70 3.10 -38.83 11.34
N GLU A 71 3.82 -39.52 10.46
CA GLU A 71 5.26 -39.72 10.62
C GLU A 71 6.00 -38.44 10.27
N SER A 72 5.63 -37.79 9.17
CA SER A 72 6.24 -36.54 8.77
C SER A 72 6.02 -35.46 9.82
N ILE A 73 4.79 -35.37 10.30
CA ILE A 73 4.44 -34.44 11.36
C ILE A 73 5.28 -34.61 12.62
N GLU A 74 5.45 -35.86 13.06
CA GLU A 74 6.20 -36.16 14.28
C GLU A 74 7.69 -35.84 14.10
N ALA A 75 8.21 -36.07 12.90
CA ALA A 75 9.61 -35.77 12.61
C ALA A 75 9.84 -34.26 12.53
N VAL A 76 9.00 -33.59 11.75
CA VAL A 76 9.12 -32.13 11.60
C VAL A 76 9.07 -31.43 12.97
N LEU A 77 8.17 -31.85 13.85
CA LEU A 77 8.08 -31.22 15.17
C LEU A 77 9.29 -31.50 16.06
N LYS A 78 9.81 -32.72 16.00
CA LYS A 78 11.02 -33.06 16.76
C LYS A 78 12.15 -32.13 16.31
N ALA A 79 12.35 -32.07 15.00
CA ALA A 79 13.37 -31.19 14.43
C ALA A 79 13.18 -29.75 14.88
N ILE A 80 11.95 -29.27 14.89
CA ILE A 80 11.68 -27.92 15.35
C ILE A 80 12.00 -27.80 16.85
N THR A 81 11.45 -28.70 17.63
CA THR A 81 11.67 -28.65 19.09
C THR A 81 13.15 -28.66 19.47
N ASP A 82 13.92 -29.56 18.86
CA ASP A 82 15.36 -29.65 19.15
C ASP A 82 16.10 -28.35 18.87
N GLU A 83 15.80 -27.71 17.75
CA GLU A 83 16.60 -26.57 17.29
C GLU A 83 16.09 -25.24 17.81
N PHE A 84 14.77 -25.11 17.92
CA PHE A 84 14.16 -23.82 18.21
C PHE A 84 13.42 -23.74 19.55
N GLY A 85 12.86 -24.85 20.00
CA GLY A 85 12.01 -24.89 21.17
C GLY A 85 10.62 -25.35 20.74
N GLY A 86 9.72 -25.50 21.70
CA GLY A 86 8.33 -25.80 21.37
C GLY A 86 7.68 -24.72 20.52
N VAL A 87 6.74 -25.14 19.68
CA VAL A 87 5.95 -24.24 18.86
C VAL A 87 5.01 -23.44 19.74
N ASP A 88 5.01 -22.12 19.54
CA ASP A 88 4.12 -21.21 20.24
C ASP A 88 2.96 -20.79 19.35
N ILE A 89 3.23 -20.69 18.07
CA ILE A 89 2.22 -20.23 17.14
C ILE A 89 2.14 -21.20 16.03
N LEU A 90 0.93 -21.68 15.76
CA LEU A 90 0.70 -22.56 14.63
C LEU A 90 -0.31 -21.93 13.67
N VAL A 91 0.08 -21.76 12.41
CA VAL A 91 -0.82 -21.32 11.36
C VAL A 91 -1.07 -22.50 10.42
N ASN A 92 -2.25 -23.09 10.54
CA ASN A 92 -2.69 -24.15 9.63
C ASN A 92 -3.20 -23.53 8.36
N ASN A 93 -2.37 -23.56 7.34
CA ASN A 93 -2.70 -22.94 6.08
C ASN A 93 -2.62 -23.90 4.92
N ALA A 94 -1.96 -25.03 5.13
CA ALA A 94 -1.89 -26.07 4.10
C ALA A 94 -3.29 -26.43 3.63
N GLY A 95 -3.43 -26.56 2.30
CA GLY A 95 -4.68 -26.93 1.66
C GLY A 95 -4.50 -27.05 0.15
N ILE A 96 -5.06 -28.12 -0.43
CA ILE A 96 -5.08 -28.27 -1.88
C ILE A 96 -6.41 -27.75 -2.40
N THR A 97 -6.38 -26.55 -2.96
CA THR A 97 -7.54 -25.92 -3.53
C THR A 97 -7.68 -26.38 -4.99
N ARG A 98 -8.22 -27.58 -5.19
CA ARG A 98 -8.41 -28.16 -6.52
C ARG A 98 -9.88 -28.53 -6.78
N MET A 103 -17.85 -33.98 -5.26
CA MET A 103 -17.76 -34.17 -6.70
C MET A 103 -17.83 -35.65 -7.08
N ARG A 104 -18.39 -35.94 -8.26
CA ARG A 104 -18.15 -37.25 -8.88
C ARG A 104 -16.67 -37.27 -9.32
N MET A 105 -15.83 -37.61 -8.33
CA MET A 105 -14.40 -37.86 -8.42
C MET A 105 -14.26 -39.25 -7.82
N LYS A 106 -13.08 -39.84 -7.91
CA LYS A 106 -12.83 -41.14 -7.26
C LYS A 106 -12.67 -40.95 -5.74
N GLU A 107 -13.11 -41.96 -5.00
CA GLU A 107 -13.21 -41.89 -3.55
C GLU A 107 -11.88 -41.67 -2.81
N GLU A 108 -10.80 -42.19 -3.39
CA GLU A 108 -9.45 -42.05 -2.82
C GLU A 108 -8.89 -40.64 -3.03
N GLU A 109 -9.26 -40.00 -4.15
CA GLU A 109 -8.93 -38.58 -4.38
C GLU A 109 -9.69 -37.71 -3.41
N TRP A 110 -10.90 -38.14 -3.07
CA TRP A 110 -11.70 -37.41 -2.14
C TRP A 110 -11.22 -37.58 -0.73
N SER A 111 -10.74 -38.77 -0.40
CA SER A 111 -10.17 -38.99 0.91
C SER A 111 -8.99 -38.02 1.10
N ASP A 112 -8.13 -37.94 0.10
CA ASP A 112 -6.95 -37.07 0.12
C ASP A 112 -7.28 -35.60 0.31
N ILE A 113 -8.32 -35.12 -0.37
CA ILE A 113 -8.72 -33.73 -0.24
C ILE A 113 -9.17 -33.43 1.17
N MET A 114 -9.82 -34.38 1.83
CA MET A 114 -10.30 -34.20 3.21
C MET A 114 -9.19 -34.32 4.25
N GLU A 115 -8.36 -35.34 4.12
CA GLU A 115 -7.18 -35.46 5.00
C GLU A 115 -6.28 -34.21 4.93
N THR A 116 -5.99 -33.73 3.71
CA THR A 116 -5.11 -32.59 3.53
C THR A 116 -5.75 -31.29 4.04
N ASN A 117 -7.05 -31.10 3.76
CA ASN A 117 -7.74 -29.83 4.07
C ASN A 117 -8.15 -29.72 5.54
N LEU A 118 -8.67 -30.82 6.11
CA LEU A 118 -9.30 -30.86 7.46
C LEU A 118 -8.61 -31.72 8.55
N THR A 119 -8.39 -32.99 8.26
CA THR A 119 -7.78 -33.90 9.24
C THR A 119 -6.38 -33.47 9.66
N SER A 120 -5.69 -32.82 8.75
CA SER A 120 -4.36 -32.31 9.03
C SER A 120 -4.40 -31.25 10.12
N ILE A 121 -5.36 -30.35 10.00
CA ILE A 121 -5.60 -29.33 11.00
C ILE A 121 -5.72 -29.95 12.39
N PHE A 122 -6.59 -30.95 12.52
CA PHE A 122 -6.76 -31.63 13.80
CA PHE A 122 -6.75 -31.64 13.79
C PHE A 122 -5.43 -32.23 14.29
N ARG A 123 -4.70 -32.88 13.39
CA ARG A 123 -3.45 -33.56 13.77
C ARG A 123 -2.34 -32.62 14.20
N LEU A 124 -2.10 -31.59 13.42
CA LEU A 124 -1.11 -30.57 13.77
C LEU A 124 -1.50 -29.86 15.06
N SER A 125 -2.77 -29.46 15.16
CA SER A 125 -3.23 -28.72 16.34
C SER A 125 -3.02 -29.57 17.56
N LYS A 126 -3.38 -30.84 17.47
CA LYS A 126 -3.26 -31.76 18.60
C LYS A 126 -1.80 -31.93 19.00
N ALA A 127 -0.92 -32.15 18.03
CA ALA A 127 0.51 -32.30 18.29
C ALA A 127 1.16 -31.12 19.03
N VAL A 128 0.86 -29.89 18.61
CA VAL A 128 1.50 -28.74 19.23
C VAL A 128 0.83 -28.37 20.58
N LEU A 129 -0.38 -28.87 20.81
CA LEU A 129 -1.23 -28.41 21.92
C LEU A 129 -0.73 -28.84 23.31
N ARG A 130 -0.13 -30.01 23.40
CA ARG A 130 0.39 -30.51 24.67
C ARG A 130 1.39 -29.52 25.21
N GLY A 131 2.33 -29.09 24.37
CA GLY A 131 3.37 -28.14 24.77
C GLY A 131 2.78 -26.79 25.17
N MET A 132 1.91 -26.25 24.33
CA MET A 132 1.30 -24.97 24.59
C MET A 132 0.53 -24.97 25.92
N MET A 133 -0.20 -26.04 26.18
CA MET A 133 -1.03 -26.10 27.38
C MET A 133 -0.20 -26.30 28.64
N LYS A 134 0.89 -27.04 28.51
CA LYS A 134 1.88 -27.12 29.60
C LYS A 134 2.50 -25.76 29.89
N LYS A 135 2.77 -24.99 28.84
CA LYS A 135 3.33 -23.65 28.89
C LYS A 135 2.31 -22.58 29.33
N ARG A 136 1.02 -22.86 29.19
CA ARG A 136 -0.04 -21.87 29.35
C ARG A 136 0.07 -20.73 28.35
N GLN A 137 0.39 -21.06 27.11
CA GLN A 137 0.69 -20.03 26.10
C GLN A 137 0.70 -20.68 24.73
N GLY A 138 -0.14 -20.20 23.84
CA GLY A 138 -0.19 -20.75 22.50
C GLY A 138 -1.22 -20.03 21.65
N ARG A 139 -1.00 -20.10 20.35
CA ARG A 139 -1.85 -19.53 19.35
C ARG A 139 -1.98 -20.57 18.28
N ILE A 140 -3.21 -20.91 17.91
CA ILE A 140 -3.47 -21.71 16.76
C ILE A 140 -4.40 -20.90 15.90
N ILE A 141 -4.03 -20.70 14.64
CA ILE A 141 -4.82 -19.89 13.72
C ILE A 141 -5.07 -20.70 12.46
N ASN A 142 -6.34 -20.98 12.19
CA ASN A 142 -6.69 -21.77 11.02
C ASN A 142 -7.16 -20.83 9.93
N VAL A 143 -6.52 -20.94 8.77
CA VAL A 143 -6.82 -20.08 7.68
C VAL A 143 -7.67 -20.87 6.71
N GLY A 144 -8.92 -20.45 6.60
CA GLY A 144 -9.85 -21.03 5.66
C GLY A 144 -9.47 -20.80 4.20
N SER A 145 -10.11 -21.54 3.31
CA SER A 145 -9.77 -21.48 1.88
C SER A 145 -10.24 -20.20 1.25
N VAL A 146 -9.52 -19.72 0.21
CA VAL A 146 -9.95 -18.59 -0.62
C VAL A 146 -10.40 -19.03 -2.01
N VAL A 147 -11.68 -18.84 -2.32
CA VAL A 147 -12.27 -19.24 -3.59
C VAL A 147 -13.60 -18.52 -3.79
N ALA A 160 -13.00 -24.49 -0.09
CA ALA A 160 -14.27 -25.05 0.31
C ALA A 160 -14.12 -26.52 0.73
N ALA A 161 -15.01 -26.95 1.64
CA ALA A 161 -14.87 -28.24 2.41
C ALA A 161 -14.09 -28.02 3.74
N LYS A 162 -13.42 -26.86 3.82
CA LYS A 162 -12.92 -26.29 5.06
C LYS A 162 -14.06 -25.73 5.92
N ALA A 163 -15.33 -25.85 5.50
CA ALA A 163 -16.46 -25.24 6.27
C ALA A 163 -16.59 -25.75 7.71
N GLY A 164 -16.17 -27.00 7.93
CA GLY A 164 -16.03 -27.56 9.27
C GLY A 164 -14.94 -26.91 10.11
N VAL A 165 -14.07 -26.12 9.48
CA VAL A 165 -12.98 -25.45 10.20
C VAL A 165 -13.50 -24.54 11.29
N ILE A 166 -14.57 -23.80 11.01
CA ILE A 166 -15.13 -22.85 11.97
C ILE A 166 -15.67 -23.61 13.20
N GLY A 167 -16.35 -24.73 12.96
CA GLY A 167 -16.89 -25.54 14.06
C GLY A 167 -15.77 -26.07 14.93
N PHE A 168 -14.73 -26.58 14.28
CA PHE A 168 -13.63 -27.17 15.03
C PHE A 168 -12.97 -26.09 15.86
N THR A 169 -12.75 -24.93 15.26
CA THR A 169 -12.11 -23.81 15.94
C THR A 169 -12.86 -23.50 17.24
N LYS A 170 -14.18 -23.36 17.16
CA LYS A 170 -14.95 -22.95 18.32
C LYS A 170 -15.00 -24.01 19.40
N SER A 171 -15.13 -25.28 19.00
CA SER A 171 -15.13 -26.37 20.00
C SER A 171 -13.79 -26.43 20.72
N MET A 172 -12.74 -26.38 19.94
CA MET A 172 -11.41 -26.50 20.46
C MET A 172 -11.05 -25.27 21.32
N ALA A 173 -11.49 -24.09 20.90
CA ALA A 173 -11.26 -22.87 21.66
C ALA A 173 -11.83 -22.96 23.08
N ARG A 174 -13.05 -23.42 23.18
CA ARG A 174 -13.72 -23.58 24.47
C ARG A 174 -12.91 -24.50 25.40
N GLU A 175 -12.31 -25.56 24.84
CA GLU A 175 -11.64 -26.58 25.63
C GLU A 175 -10.31 -26.14 26.20
N VAL A 176 -9.57 -25.30 25.46
CA VAL A 176 -8.20 -24.99 25.83
C VAL A 176 -8.01 -23.55 26.34
N ALA A 177 -9.07 -22.76 26.31
CA ALA A 177 -9.06 -21.38 26.73
C ALA A 177 -8.48 -21.18 28.14
N SER A 178 -8.86 -22.05 29.05
CA SER A 178 -8.48 -21.90 30.44
C SER A 178 -6.98 -22.13 30.66
N ARG A 179 -6.31 -22.80 29.72
CA ARG A 179 -4.86 -23.03 29.81
C ARG A 179 -4.03 -22.10 28.90
N GLY A 180 -4.55 -20.92 28.60
CA GLY A 180 -3.77 -19.85 28.01
C GLY A 180 -3.53 -19.98 26.51
N VAL A 181 -4.34 -20.77 25.84
CA VAL A 181 -4.19 -21.00 24.40
C VAL A 181 -5.43 -20.52 23.73
N THR A 182 -5.27 -19.73 22.68
CA THR A 182 -6.40 -19.29 21.88
C THR A 182 -6.41 -19.97 20.54
N VAL A 183 -7.60 -20.17 19.99
CA VAL A 183 -7.77 -20.86 18.71
C VAL A 183 -8.71 -20.05 17.91
N ASN A 184 -8.28 -19.57 16.75
CA ASN A 184 -9.10 -18.68 15.96
C ASN A 184 -9.04 -19.03 14.50
N THR A 185 -10.08 -18.66 13.74
CA THR A 185 -10.05 -18.76 12.29
C THR A 185 -9.92 -17.35 11.66
N VAL A 186 -9.13 -17.25 10.60
CA VAL A 186 -9.18 -16.13 9.68
C VAL A 186 -9.84 -16.66 8.38
N ALA A 187 -10.97 -16.08 7.98
CA ALA A 187 -11.76 -16.55 6.82
C ALA A 187 -11.64 -15.59 5.63
N PRO A 188 -10.81 -15.93 4.63
CA PRO A 188 -10.62 -15.03 3.48
C PRO A 188 -11.76 -15.04 2.50
N GLY A 189 -11.94 -13.92 1.82
CA GLY A 189 -12.83 -13.86 0.64
C GLY A 189 -11.96 -14.09 -0.58
N PHE A 190 -12.22 -13.33 -1.63
CA PHE A 190 -11.48 -13.43 -2.87
C PHE A 190 -10.17 -12.68 -2.74
N ILE A 191 -9.09 -13.44 -2.61
CA ILE A 191 -7.76 -12.86 -2.49
C ILE A 191 -7.06 -13.04 -3.81
N GLU A 192 -6.24 -12.06 -4.19
CA GLU A 192 -5.45 -12.12 -5.42
C GLU A 192 -4.28 -13.11 -5.25
N THR A 193 -4.43 -14.34 -5.76
CA THR A 193 -3.39 -15.37 -5.70
C THR A 193 -2.65 -15.47 -7.05
N ASP A 194 -1.85 -16.53 -7.23
CA ASP A 194 -1.28 -16.83 -8.56
C ASP A 194 -2.40 -16.92 -9.59
N MET A 195 -3.46 -17.66 -9.24
CA MET A 195 -4.75 -17.62 -9.95
C MET A 195 -4.62 -17.61 -11.46
N ASP A 201 -9.51 -13.69 -16.40
CA ASP A 201 -9.36 -12.73 -17.50
C ASP A 201 -10.17 -11.43 -17.22
N GLU A 202 -11.23 -11.16 -18.01
CA GLU A 202 -12.27 -10.18 -17.68
C GLU A 202 -13.52 -10.89 -17.12
N GLN A 203 -13.39 -12.20 -16.86
CA GLN A 203 -14.24 -12.89 -15.90
C GLN A 203 -13.92 -12.43 -14.48
N ARG A 204 -12.96 -11.50 -14.32
CA ARG A 204 -12.62 -10.94 -13.01
C ARG A 204 -13.71 -10.00 -12.53
N THR A 205 -14.17 -9.14 -13.43
CA THR A 205 -15.28 -8.23 -13.14
C THR A 205 -16.50 -8.98 -12.58
N ALA A 206 -16.66 -10.25 -12.95
CA ALA A 206 -17.71 -11.08 -12.39
C ALA A 206 -17.51 -11.31 -10.90
N THR A 207 -16.28 -11.60 -10.50
CA THR A 207 -15.96 -11.81 -9.10
C THR A 207 -16.14 -10.53 -8.31
N LEU A 208 -15.53 -9.46 -8.81
CA LEU A 208 -15.54 -8.16 -8.13
C LEU A 208 -16.95 -7.69 -7.75
N ALA A 209 -17.93 -7.99 -8.61
CA ALA A 209 -19.31 -7.57 -8.38
C ALA A 209 -19.89 -8.13 -7.06
N GLN A 210 -19.34 -9.25 -6.59
CA GLN A 210 -19.80 -9.84 -5.31
C GLN A 210 -19.19 -9.18 -4.06
N VAL A 211 -18.15 -8.37 -4.26
CA VAL A 211 -17.44 -7.77 -3.15
C VAL A 211 -17.81 -6.27 -3.00
N PRO A 212 -18.49 -5.93 -1.89
CA PRO A 212 -18.86 -4.55 -1.60
C PRO A 212 -17.68 -3.57 -1.57
N ALA A 213 -16.50 -4.03 -1.20
CA ALA A 213 -15.31 -3.14 -1.26
C ALA A 213 -14.82 -2.92 -2.69
N GLY A 214 -15.28 -3.77 -3.61
CA GLY A 214 -15.05 -3.57 -5.04
C GLY A 214 -13.64 -3.88 -5.51
N ARG A 215 -12.94 -4.74 -4.78
CA ARG A 215 -11.58 -5.11 -5.14
C ARG A 215 -11.22 -6.41 -4.46
N LEU A 216 -10.23 -7.09 -4.99
CA LEU A 216 -9.76 -8.32 -4.38
C LEU A 216 -8.93 -7.98 -3.17
N GLY A 217 -8.80 -8.94 -2.27
CA GLY A 217 -7.89 -8.82 -1.17
C GLY A 217 -6.49 -9.10 -1.61
N ASP A 218 -5.54 -8.58 -0.85
CA ASP A 218 -4.11 -8.80 -1.00
C ASP A 218 -3.72 -9.85 0.05
N PRO A 219 -2.84 -10.80 -0.30
CA PRO A 219 -2.40 -11.78 0.69
C PRO A 219 -1.79 -11.18 1.96
N ARG A 220 -1.17 -10.00 1.86
CA ARG A 220 -0.66 -9.30 3.04
C ARG A 220 -1.74 -8.92 4.05
N GLU A 221 -3.00 -8.87 3.58
CA GLU A 221 -4.10 -8.49 4.45
C GLU A 221 -4.61 -9.68 5.25
N ILE A 222 -4.41 -10.89 4.72
CA ILE A 222 -4.76 -12.07 5.43
C ILE A 222 -3.68 -12.27 6.48
N ALA A 223 -2.43 -12.00 6.08
CA ALA A 223 -1.28 -12.09 6.96
C ALA A 223 -1.34 -11.10 8.15
N SER A 224 -1.81 -9.89 7.90
CA SER A 224 -2.04 -8.90 8.96
C SER A 224 -3.00 -9.40 10.02
N ALA A 225 -4.06 -10.05 9.59
CA ALA A 225 -5.05 -10.62 10.46
C ALA A 225 -4.47 -11.72 11.32
N VAL A 226 -3.77 -12.65 10.67
CA VAL A 226 -3.13 -13.77 11.34
C VAL A 226 -2.15 -13.25 12.40
N ALA A 227 -1.31 -12.31 12.00
CA ALA A 227 -0.30 -11.79 12.94
C ALA A 227 -0.93 -11.06 14.12
N PHE A 228 -2.04 -10.38 13.91
CA PHE A 228 -2.76 -9.76 15.01
C PHE A 228 -3.18 -10.84 15.99
N LEU A 229 -3.78 -11.91 15.47
CA LEU A 229 -4.32 -12.94 16.33
C LEU A 229 -3.19 -13.66 17.04
N ALA A 230 -2.01 -13.71 16.43
CA ALA A 230 -0.83 -14.36 17.02
C ALA A 230 -0.13 -13.56 18.11
N SER A 231 -0.51 -12.30 18.30
CA SER A 231 0.19 -11.44 19.24
C SER A 231 -0.29 -11.66 20.68
N PRO A 232 0.55 -11.30 21.66
CA PRO A 232 0.12 -11.26 23.07
C PRO A 232 -1.11 -10.38 23.29
N GLU A 233 -1.25 -9.31 22.51
CA GLU A 233 -2.41 -8.39 22.60
C GLU A 233 -3.77 -9.05 22.30
N ALA A 234 -3.75 -10.12 21.48
CA ALA A 234 -4.92 -10.89 21.16
C ALA A 234 -5.15 -12.07 22.14
N ALA A 235 -4.64 -11.98 23.35
CA ALA A 235 -4.77 -13.05 24.32
C ALA A 235 -6.21 -13.32 24.79
N TYR A 236 -7.10 -12.35 24.62
CA TYR A 236 -8.46 -12.48 25.13
C TYR A 236 -9.45 -12.71 24.01
N ILE A 237 -8.93 -13.04 22.83
CA ILE A 237 -9.78 -13.36 21.68
C ILE A 237 -9.57 -14.79 21.37
N THR A 238 -10.63 -15.56 21.49
CA THR A 238 -10.53 -16.96 21.13
C THR A 238 -11.88 -17.43 20.74
N GLY A 239 -11.91 -18.33 19.75
CA GLY A 239 -13.16 -18.87 19.25
C GLY A 239 -13.75 -18.00 18.18
N GLU A 240 -12.93 -17.12 17.65
CA GLU A 240 -13.40 -16.15 16.69
C GLU A 240 -13.08 -16.55 15.26
N THR A 241 -13.97 -16.14 14.36
CA THR A 241 -13.74 -16.16 12.92
C THR A 241 -13.56 -14.73 12.44
N LEU A 242 -12.40 -14.40 11.96
CA LEU A 242 -12.11 -13.05 11.50
C LEU A 242 -12.19 -13.04 9.97
N HIS A 243 -13.28 -12.50 9.45
CA HIS A 243 -13.54 -12.43 8.00
C HIS A 243 -12.80 -11.28 7.38
N VAL A 244 -11.91 -11.59 6.45
CA VAL A 244 -11.17 -10.61 5.69
C VAL A 244 -11.65 -10.72 4.25
N ASN A 245 -12.78 -10.07 3.95
CA ASN A 245 -13.45 -10.30 2.69
C ASN A 245 -14.14 -9.09 2.03
N GLY A 246 -13.70 -7.87 2.32
CA GLY A 246 -14.27 -6.68 1.65
C GLY A 246 -15.76 -6.46 1.85
N GLY A 247 -16.31 -7.03 2.92
CA GLY A 247 -17.75 -6.94 3.26
C GLY A 247 -18.65 -8.01 2.67
N MET A 248 -18.06 -9.09 2.16
CA MET A 248 -18.79 -10.02 1.29
C MET A 248 -19.95 -10.73 1.98
N TYR A 249 -19.68 -11.24 3.16
CA TYR A 249 -20.69 -11.62 4.13
CA TYR A 249 -20.73 -11.49 4.10
C TYR A 249 -20.12 -11.24 5.51
N SER B 5 7.94 1.53 12.63
CA SER B 5 7.91 0.92 11.27
C SER B 5 6.59 1.24 10.58
N GLN B 6 6.45 0.77 9.35
CA GLN B 6 5.23 1.00 8.55
C GLN B 6 4.09 0.08 8.99
N PHE B 7 4.29 -0.74 10.01
CA PHE B 7 3.29 -1.71 10.42
C PHE B 7 2.34 -1.16 11.49
N MET B 8 1.05 -1.13 11.20
CA MET B 8 0.05 -0.55 12.11
C MET B 8 0.40 0.86 12.47
N ASN B 9 0.71 1.66 11.47
CA ASN B 9 1.21 3.01 11.67
C ASN B 9 0.05 3.94 11.35
N LEU B 10 -0.34 4.75 12.34
CA LEU B 10 -1.48 5.67 12.20
C LEU B 10 -1.03 7.13 12.03
N GLU B 11 0.27 7.33 11.78
CA GLU B 11 0.81 8.68 11.64
C GLU B 11 0.08 9.45 10.56
N GLY B 12 -0.36 10.65 10.87
CA GLY B 12 -1.08 11.46 9.92
C GLY B 12 -2.56 11.17 9.88
N LYS B 13 -3.04 10.36 10.81
CA LYS B 13 -4.45 10.06 10.91
C LYS B 13 -5.03 10.83 12.09
N VAL B 14 -6.21 11.43 11.87
CA VAL B 14 -6.95 12.13 12.93
C VAL B 14 -8.04 11.20 13.48
N ALA B 15 -7.96 10.85 14.77
CA ALA B 15 -8.91 9.92 15.39
C ALA B 15 -9.77 10.64 16.40
N LEU B 16 -11.10 10.50 16.29
CA LEU B 16 -12.01 11.00 17.33
C LEU B 16 -12.54 9.86 18.20
N VAL B 17 -12.27 9.88 19.49
CA VAL B 17 -12.67 8.78 20.41
C VAL B 17 -13.66 9.30 21.45
N THR B 18 -14.92 8.86 21.37
CA THR B 18 -15.95 9.40 22.29
C THR B 18 -15.89 8.65 23.61
N GLY B 19 -16.14 9.34 24.72
CA GLY B 19 -16.15 8.69 26.04
C GLY B 19 -14.75 8.29 26.48
N ALA B 20 -13.80 9.19 26.27
CA ALA B 20 -12.38 8.86 26.34
C ALA B 20 -11.73 9.19 27.68
N SER B 21 -12.51 9.51 28.69
CA SER B 21 -11.93 10.02 29.94
C SER B 21 -11.39 8.91 30.84
N ARG B 22 -11.88 7.68 30.69
CA ARG B 22 -11.38 6.57 31.50
C ARG B 22 -11.62 5.19 30.89
N GLY B 23 -11.06 4.17 31.53
CA GLY B 23 -11.25 2.79 31.17
C GLY B 23 -10.98 2.47 29.72
N ILE B 24 -11.97 1.87 29.06
CA ILE B 24 -11.81 1.40 27.70
C ILE B 24 -11.50 2.56 26.80
N GLY B 25 -12.21 3.65 26.97
CA GLY B 25 -12.09 4.81 26.07
C GLY B 25 -10.75 5.47 26.15
N LYS B 26 -10.23 5.61 27.37
CA LYS B 26 -8.89 6.13 27.59
C LYS B 26 -7.80 5.16 27.05
N ALA B 27 -8.00 3.87 27.18
CA ALA B 27 -7.00 2.92 26.68
C ALA B 27 -6.96 3.00 25.15
N ILE B 28 -8.12 3.12 24.51
CA ILE B 28 -8.22 3.28 23.04
C ILE B 28 -7.50 4.54 22.59
N ALA B 29 -7.83 5.67 23.21
CA ALA B 29 -7.18 6.96 22.82
C ALA B 29 -5.66 6.93 23.02
N GLU B 30 -5.22 6.35 24.12
CA GLU B 30 -3.76 6.29 24.37
C GLU B 30 -3.04 5.42 23.35
N LEU B 31 -3.62 4.29 23.01
CA LEU B 31 -2.98 3.39 22.04
C LEU B 31 -2.97 4.02 20.66
N LEU B 32 -4.08 4.61 20.25
CA LEU B 32 -4.10 5.29 18.95
C LEU B 32 -3.01 6.35 18.90
N ALA B 33 -2.78 7.05 20.00
CA ALA B 33 -1.71 8.05 20.09
C ALA B 33 -0.34 7.39 20.00
N GLU B 34 -0.14 6.31 20.75
CA GLU B 34 1.11 5.54 20.65
C GLU B 34 1.49 5.15 19.24
N ARG B 35 0.49 4.82 18.43
CA ARG B 35 0.72 4.36 17.05
C ARG B 35 0.76 5.51 16.04
N GLY B 36 0.74 6.75 16.54
CA GLY B 36 0.95 7.92 15.68
C GLY B 36 -0.28 8.77 15.39
N ALA B 37 -1.46 8.39 15.87
CA ALA B 37 -2.63 9.15 15.49
C ALA B 37 -2.64 10.49 16.21
N LYS B 38 -3.24 11.49 15.58
CA LYS B 38 -3.57 12.72 16.28
C LYS B 38 -4.96 12.50 16.90
N VAL B 39 -5.04 12.40 18.23
CA VAL B 39 -6.26 11.94 18.87
C VAL B 39 -7.08 13.05 19.57
N ILE B 40 -8.36 13.15 19.25
CA ILE B 40 -9.29 13.94 20.01
C ILE B 40 -10.25 13.03 20.76
N GLY B 41 -10.16 13.02 22.08
CA GLY B 41 -11.11 12.33 22.93
C GLY B 41 -12.14 13.27 23.52
N THR B 42 -13.28 12.72 23.92
CA THR B 42 -14.36 13.54 24.43
C THR B 42 -14.88 13.04 25.76
N ALA B 43 -15.36 13.98 26.56
CA ALA B 43 -16.07 13.72 27.80
C ALA B 43 -17.30 14.60 27.85
N THR B 44 -18.16 14.35 28.84
CA THR B 44 -19.39 15.12 28.99
C THR B 44 -19.16 16.52 29.57
N SER B 45 -18.08 16.71 30.34
CA SER B 45 -17.75 18.04 30.94
C SER B 45 -16.41 18.60 30.44
N GLU B 46 -16.14 19.86 30.77
CA GLU B 46 -14.89 20.54 30.37
C GLU B 46 -13.69 20.09 31.20
N SER B 47 -13.96 19.66 32.42
CA SER B 47 -12.92 19.09 33.28
C SER B 47 -12.59 17.65 32.85
N GLY B 48 -13.54 16.99 32.21
CA GLY B 48 -13.29 15.72 31.55
C GLY B 48 -12.36 15.98 30.39
N ALA B 49 -12.77 16.89 29.53
CA ALA B 49 -11.97 17.33 28.37
C ALA B 49 -10.56 17.70 28.75
N GLN B 50 -10.42 18.47 29.82
CA GLN B 50 -9.11 18.96 30.26
C GLN B 50 -8.21 17.80 30.73
N ALA B 51 -8.80 16.81 31.39
CA ALA B 51 -8.06 15.63 31.85
C ALA B 51 -7.59 14.74 30.68
N ILE B 52 -8.42 14.67 29.64
CA ILE B 52 -8.01 14.05 28.39
C ILE B 52 -6.89 14.81 27.72
N SER B 53 -6.97 16.14 27.74
CA SER B 53 -5.88 16.95 27.18
C SER B 53 -4.58 16.67 27.91
N ASP B 54 -4.68 16.53 29.22
CA ASP B 54 -3.52 16.28 30.07
C ASP B 54 -2.77 15.00 29.69
N TYR B 55 -3.48 13.89 29.50
CA TYR B 55 -2.82 12.60 29.27
C TYR B 55 -2.42 12.41 27.81
N LEU B 56 -3.08 13.10 26.89
CA LEU B 56 -2.70 13.07 25.47
C LEU B 56 -1.50 13.95 25.15
N GLY B 57 -1.43 15.11 25.78
CA GLY B 57 -0.29 16.01 25.60
C GLY B 57 -0.20 16.50 24.17
N ASP B 58 1.01 16.45 23.62
CA ASP B 58 1.26 16.89 22.26
C ASP B 58 0.62 15.97 21.19
N ASN B 59 0.16 14.77 21.57
CA ASN B 59 -0.48 13.84 20.61
C ASN B 59 -1.97 14.11 20.32
N GLY B 60 -2.57 15.08 20.99
CA GLY B 60 -3.98 15.38 20.75
C GLY B 60 -4.62 16.30 21.76
N LYS B 61 -5.96 16.24 21.85
CA LYS B 61 -6.66 16.99 22.88
C LYS B 61 -8.04 16.42 23.23
N GLY B 62 -8.61 16.97 24.31
CA GLY B 62 -9.95 16.63 24.76
C GLY B 62 -10.92 17.73 24.41
N MET B 63 -12.14 17.35 24.08
CA MET B 63 -13.20 18.31 23.85
C MET B 63 -14.45 17.83 24.56
N ALA B 64 -15.27 18.78 25.00
CA ALA B 64 -16.55 18.50 25.59
C ALA B 64 -17.51 18.18 24.47
N LEU B 65 -18.28 17.11 24.64
CA LEU B 65 -19.27 16.71 23.64
C LEU B 65 -20.45 16.05 24.33
N ASN B 66 -21.65 16.49 23.98
CA ASN B 66 -22.88 15.79 24.34
C ASN B 66 -23.36 15.06 23.09
N VAL B 67 -23.26 13.74 23.10
CA VAL B 67 -23.60 12.95 21.92
C VAL B 67 -25.09 13.02 21.55
N THR B 68 -25.94 13.33 22.51
CA THR B 68 -27.38 13.46 22.26
C THR B 68 -27.81 14.78 21.61
N ASN B 69 -26.88 15.72 21.43
CA ASN B 69 -27.21 17.05 20.96
C ASN B 69 -26.57 17.37 19.59
N PRO B 70 -27.40 17.52 18.53
CA PRO B 70 -26.88 17.82 17.19
C PRO B 70 -26.09 19.13 17.08
N GLU B 71 -26.31 20.05 18.01
CA GLU B 71 -25.55 21.31 18.01
C GLU B 71 -24.14 21.10 18.53
N SER B 72 -24.01 20.33 19.61
CA SER B 72 -22.68 20.02 20.17
C SER B 72 -21.85 19.25 19.16
N ILE B 73 -22.47 18.25 18.54
CA ILE B 73 -21.81 17.43 17.52
C ILE B 73 -21.28 18.27 16.37
N GLU B 74 -22.10 19.20 15.88
CA GLU B 74 -21.72 20.05 14.75
C GLU B 74 -20.58 21.01 15.14
N ALA B 75 -20.61 21.49 16.38
CA ALA B 75 -19.56 22.41 16.87
C ALA B 75 -18.25 21.67 17.10
N VAL B 76 -18.33 20.53 17.78
CA VAL B 76 -17.12 19.74 18.01
C VAL B 76 -16.43 19.37 16.70
N LEU B 77 -17.20 18.96 15.70
CA LEU B 77 -16.59 18.54 14.44
C LEU B 77 -15.99 19.69 13.66
N LYS B 78 -16.64 20.85 13.69
CA LYS B 78 -16.09 22.03 13.05
C LYS B 78 -14.74 22.35 13.67
N ALA B 79 -14.72 22.43 15.00
CA ALA B 79 -13.49 22.70 15.74
C ALA B 79 -12.41 21.70 15.38
N ILE B 80 -12.76 20.43 15.27
CA ILE B 80 -11.77 19.42 14.89
C ILE B 80 -11.31 19.65 13.46
N THR B 81 -12.25 19.78 12.55
CA THR B 81 -11.89 19.95 11.14
C THR B 81 -10.97 21.16 10.93
N ASP B 82 -11.30 22.30 11.56
CA ASP B 82 -10.51 23.51 11.39
C ASP B 82 -9.08 23.33 11.84
N GLU B 83 -8.89 22.65 12.96
CA GLU B 83 -7.56 22.58 13.59
C GLU B 83 -6.74 21.41 13.10
N PHE B 84 -7.39 20.28 12.85
CA PHE B 84 -6.68 19.03 12.59
C PHE B 84 -6.86 18.46 11.18
N GLY B 85 -8.02 18.70 10.59
CA GLY B 85 -8.41 18.11 9.33
C GLY B 85 -9.63 17.23 9.56
N GLY B 86 -10.16 16.65 8.50
CA GLY B 86 -11.27 15.72 8.63
C GLY B 86 -10.89 14.50 9.46
N VAL B 87 -11.87 13.95 10.17
CA VAL B 87 -11.69 12.77 10.97
C VAL B 87 -11.49 11.55 10.07
N ASP B 88 -10.42 10.80 10.31
CA ASP B 88 -10.11 9.60 9.53
C ASP B 88 -10.57 8.38 10.29
N ILE B 89 -10.51 8.45 11.63
CA ILE B 89 -10.91 7.33 12.45
C ILE B 89 -11.91 7.79 13.50
N LEU B 90 -13.04 7.09 13.60
CA LEU B 90 -14.06 7.41 14.59
C LEU B 90 -14.36 6.21 15.41
N VAL B 91 -14.13 6.33 16.71
CA VAL B 91 -14.42 5.29 17.65
C VAL B 91 -15.59 5.72 18.53
N ASN B 92 -16.75 5.14 18.23
CA ASN B 92 -17.96 5.40 19.02
C ASN B 92 -17.96 4.53 20.24
N ASN B 93 -17.66 5.14 21.37
CA ASN B 93 -17.58 4.46 22.63
C ASN B 93 -18.32 5.17 23.77
N ALA B 94 -18.94 4.41 24.67
CA ALA B 94 -19.46 4.93 25.97
C ALA B 94 -20.56 5.95 25.80
N TRP B 110 -33.72 -1.39 28.02
CA TRP B 110 -34.72 -0.35 28.19
C TRP B 110 -34.74 0.56 26.98
N SER B 111 -35.92 1.00 26.61
CA SER B 111 -36.13 1.55 25.29
C SER B 111 -35.39 2.87 25.07
N ASP B 112 -35.53 3.81 26.00
CA ASP B 112 -34.90 5.14 25.90
C ASP B 112 -33.39 5.10 25.82
N ILE B 113 -32.76 4.24 26.62
CA ILE B 113 -31.31 4.10 26.60
C ILE B 113 -30.81 3.60 25.24
N MET B 114 -31.56 2.69 24.60
CA MET B 114 -31.19 2.11 23.29
C MET B 114 -31.43 3.09 22.16
N GLU B 115 -32.60 3.72 22.12
CA GLU B 115 -32.88 4.73 21.12
C GLU B 115 -31.85 5.86 21.16
N THR B 116 -31.57 6.37 22.35
CA THR B 116 -30.65 7.49 22.52
C THR B 116 -29.21 7.13 22.17
N ASN B 117 -28.75 5.96 22.60
CA ASN B 117 -27.35 5.58 22.32
C ASN B 117 -27.20 5.22 20.87
N LEU B 118 -28.10 4.40 20.36
CA LEU B 118 -28.08 4.10 18.93
C LEU B 118 -28.15 5.36 18.06
N THR B 119 -28.90 6.37 18.49
CA THR B 119 -29.05 7.61 17.72
C THR B 119 -27.79 8.44 17.62
N SER B 120 -27.01 8.49 18.69
CA SER B 120 -25.77 9.23 18.70
C SER B 120 -24.77 8.64 17.71
N ILE B 121 -24.64 7.32 17.77
CA ILE B 121 -23.74 6.58 16.86
C ILE B 121 -24.10 6.94 15.44
N PHE B 122 -25.38 6.85 15.10
CA PHE B 122 -25.81 7.17 13.74
C PHE B 122 -25.45 8.62 13.38
N ARG B 123 -25.69 9.57 14.30
CA ARG B 123 -25.44 10.98 14.03
C ARG B 123 -23.98 11.33 13.83
N LEU B 124 -23.13 10.86 14.74
CA LEU B 124 -21.69 11.07 14.65
C LEU B 124 -21.15 10.42 13.41
N SER B 125 -21.55 9.18 13.18
CA SER B 125 -21.02 8.44 12.03
C SER B 125 -21.38 9.20 10.77
N LYS B 126 -22.63 9.63 10.68
CA LYS B 126 -23.13 10.27 9.47
C LYS B 126 -22.36 11.56 9.23
N ALA B 127 -22.18 12.36 10.28
CA ALA B 127 -21.41 13.59 10.20
C ALA B 127 -19.94 13.44 9.68
N VAL B 128 -19.20 12.46 10.18
CA VAL B 128 -17.82 12.24 9.73
C VAL B 128 -17.74 11.54 8.34
N LEU B 129 -18.81 10.89 7.94
CA LEU B 129 -18.80 10.01 6.77
C LEU B 129 -18.65 10.73 5.42
N ARG B 130 -19.22 11.93 5.31
CA ARG B 130 -19.14 12.69 4.07
C ARG B 130 -17.68 12.93 3.71
N GLY B 131 -16.88 13.35 4.67
CA GLY B 131 -15.47 13.58 4.46
C GLY B 131 -14.72 12.30 4.07
N MET B 132 -14.89 11.26 4.86
CA MET B 132 -14.22 9.98 4.62
C MET B 132 -14.53 9.46 3.22
N MET B 133 -15.79 9.54 2.80
CA MET B 133 -16.19 9.00 1.51
C MET B 133 -15.68 9.85 0.35
N LYS B 134 -15.63 11.17 0.54
CA LYS B 134 -14.94 12.05 -0.41
C LYS B 134 -13.45 11.71 -0.52
N LYS B 135 -12.83 11.41 0.60
CA LYS B 135 -11.43 11.00 0.69
C LYS B 135 -11.15 9.55 0.22
N ARG B 136 -12.18 8.71 0.18
CA ARG B 136 -12.04 7.28 -0.04
C ARG B 136 -11.18 6.62 1.04
N GLN B 137 -11.38 7.04 2.29
CA GLN B 137 -10.57 6.56 3.37
C GLN B 137 -11.27 6.89 4.68
N GLY B 138 -11.52 5.88 5.50
CA GLY B 138 -12.12 6.09 6.79
C GLY B 138 -12.26 4.79 7.55
N ARG B 139 -12.36 4.94 8.86
CA ARG B 139 -12.55 3.83 9.78
C ARG B 139 -13.59 4.30 10.78
N ILE B 140 -14.63 3.49 10.95
CA ILE B 140 -15.60 3.72 12.01
C ILE B 140 -15.61 2.46 12.81
N ILE B 141 -15.40 2.58 14.12
CA ILE B 141 -15.36 1.41 14.98
C ILE B 141 -16.30 1.62 16.15
N ASN B 142 -17.33 0.78 16.23
CA ASN B 142 -18.31 0.93 17.28
C ASN B 142 -18.01 -0.07 18.38
N VAL B 143 -17.86 0.44 19.60
CA VAL B 143 -17.51 -0.38 20.73
C VAL B 143 -18.74 -0.63 21.59
N GLY B 144 -19.21 -1.88 21.58
CA GLY B 144 -20.29 -2.28 22.48
C GLY B 144 -19.94 -2.14 23.96
N SER B 145 -20.95 -2.05 24.80
CA SER B 145 -20.74 -1.86 26.24
C SER B 145 -20.29 -3.17 26.91
N VAL B 146 -19.76 -3.04 28.11
CA VAL B 146 -19.10 -4.14 28.81
C VAL B 146 -20.14 -5.01 29.51
N VAL B 147 -20.00 -6.34 29.43
CA VAL B 147 -20.95 -7.24 30.09
C VAL B 147 -20.75 -7.15 31.60
N GLY B 148 -21.77 -6.71 32.33
CA GLY B 148 -21.65 -6.53 33.78
C GLY B 148 -22.94 -6.02 34.40
N ALA B 156 -29.62 -8.91 29.13
CA ALA B 156 -31.05 -8.75 29.37
C ALA B 156 -31.68 -7.72 28.40
N ASN B 157 -31.43 -6.45 28.67
CA ASN B 157 -31.60 -5.37 27.71
C ASN B 157 -30.27 -5.15 27.01
N PHE B 158 -29.25 -5.78 27.59
CA PHE B 158 -27.86 -5.74 27.12
C PHE B 158 -27.78 -6.34 25.73
N ALA B 159 -28.49 -7.45 25.54
CA ALA B 159 -28.58 -8.11 24.24
C ALA B 159 -29.19 -7.16 23.19
N ALA B 160 -30.17 -6.36 23.61
CA ALA B 160 -30.83 -5.45 22.69
C ALA B 160 -29.91 -4.34 22.20
N ALA B 161 -29.16 -3.78 23.13
CA ALA B 161 -28.30 -2.66 22.83
C ALA B 161 -27.19 -3.11 21.85
N LYS B 162 -26.61 -4.27 22.12
CA LYS B 162 -25.63 -4.89 21.22
C LYS B 162 -26.19 -5.24 19.84
N ALA B 163 -27.35 -5.88 19.84
CA ALA B 163 -27.98 -6.24 18.57
C ALA B 163 -28.11 -5.00 17.66
N GLY B 164 -28.48 -3.89 18.27
CA GLY B 164 -28.67 -2.63 17.57
C GLY B 164 -27.42 -2.04 16.95
N VAL B 165 -26.38 -1.96 17.76
CA VAL B 165 -25.08 -1.49 17.27
C VAL B 165 -24.58 -2.39 16.15
N ILE B 166 -24.74 -3.70 16.31
CA ILE B 166 -24.27 -4.65 15.32
C ILE B 166 -25.06 -4.48 14.03
N GLY B 167 -26.38 -4.28 14.14
CA GLY B 167 -27.20 -4.08 12.95
C GLY B 167 -26.77 -2.81 12.20
N PHE B 168 -26.53 -1.74 12.94
CA PHE B 168 -26.16 -0.48 12.31
C PHE B 168 -24.83 -0.63 11.63
N THR B 169 -23.87 -1.26 12.32
CA THR B 169 -22.58 -1.53 11.73
C THR B 169 -22.67 -2.23 10.38
N LYS B 170 -23.42 -3.33 10.31
CA LYS B 170 -23.47 -4.12 9.09
C LYS B 170 -24.22 -3.43 7.96
N SER B 171 -25.29 -2.70 8.27
CA SER B 171 -26.01 -1.93 7.25
C SER B 171 -25.14 -0.84 6.69
N MET B 172 -24.51 -0.09 7.57
CA MET B 172 -23.71 1.05 7.13
C MET B 172 -22.48 0.57 6.38
N ALA B 173 -21.91 -0.54 6.82
CA ALA B 173 -20.71 -1.10 6.19
C ALA B 173 -20.97 -1.43 4.75
N ARG B 174 -22.10 -2.09 4.49
CA ARG B 174 -22.49 -2.42 3.11
C ARG B 174 -22.58 -1.17 2.22
N GLU B 175 -23.10 -0.09 2.79
CA GLU B 175 -23.40 1.12 2.00
C GLU B 175 -22.17 1.94 1.65
N VAL B 176 -21.15 1.92 2.51
CA VAL B 176 -19.94 2.75 2.29
C VAL B 176 -18.67 1.98 1.88
N ALA B 177 -18.75 0.66 1.85
CA ALA B 177 -17.59 -0.19 1.52
C ALA B 177 -16.89 0.18 0.23
N SER B 178 -17.68 0.50 -0.79
CA SER B 178 -17.13 0.77 -2.11
C SER B 178 -16.35 2.07 -2.16
N ARG B 179 -16.60 2.96 -1.19
CA ARG B 179 -15.85 4.23 -1.12
C ARG B 179 -14.74 4.25 -0.05
N GLY B 180 -14.17 3.08 0.25
CA GLY B 180 -12.90 2.99 0.98
C GLY B 180 -13.01 3.16 2.49
N VAL B 181 -14.20 2.98 3.01
CA VAL B 181 -14.44 3.19 4.39
C VAL B 181 -14.89 1.87 4.90
N THR B 182 -14.39 1.48 6.06
CA THR B 182 -14.84 0.28 6.72
C THR B 182 -15.55 0.66 8.01
N VAL B 183 -16.52 -0.16 8.41
CA VAL B 183 -17.28 0.06 9.63
C VAL B 183 -17.37 -1.27 10.38
N ASN B 184 -16.87 -1.32 11.61
CA ASN B 184 -16.74 -2.57 12.34
C ASN B 184 -17.13 -2.41 13.79
N THR B 185 -17.57 -3.51 14.43
CA THR B 185 -17.87 -3.52 15.85
C THR B 185 -16.83 -4.32 16.60
N VAL B 186 -16.45 -3.84 17.78
CA VAL B 186 -15.70 -4.62 18.75
C VAL B 186 -16.69 -4.90 19.90
N ALA B 187 -16.91 -6.17 20.22
CA ALA B 187 -17.88 -6.56 21.26
C ALA B 187 -17.11 -7.10 22.47
N PRO B 188 -16.97 -6.28 23.53
CA PRO B 188 -16.27 -6.76 24.73
C PRO B 188 -17.09 -7.71 25.58
N GLY B 189 -16.41 -8.61 26.27
CA GLY B 189 -17.03 -9.40 27.33
C GLY B 189 -16.83 -8.66 28.63
N PHE B 190 -16.51 -9.41 29.67
CA PHE B 190 -16.31 -8.88 30.99
C PHE B 190 -14.91 -8.28 31.11
N ILE B 191 -14.84 -6.96 31.07
CA ILE B 191 -13.60 -6.23 31.17
C ILE B 191 -13.47 -5.69 32.57
N GLU B 192 -12.25 -5.62 33.10
CA GLU B 192 -11.98 -5.02 34.40
C GLU B 192 -12.06 -3.49 34.34
N THR B 193 -13.17 -2.94 34.80
CA THR B 193 -13.36 -1.49 34.93
C THR B 193 -13.93 -1.12 36.31
N ASP B 194 -14.31 0.15 36.50
CA ASP B 194 -14.85 0.63 37.77
C ASP B 194 -16.10 -0.16 38.19
N MET B 195 -17.06 -0.32 37.27
CA MET B 195 -18.24 -1.17 37.52
C MET B 195 -17.93 -2.55 38.13
N THR B 196 -16.87 -3.20 37.64
CA THR B 196 -16.40 -4.50 38.15
C THR B 196 -15.36 -4.36 39.26
N GLU B 202 -17.18 -12.61 45.92
CA GLU B 202 -17.73 -11.28 45.90
C GLU B 202 -18.63 -11.11 44.68
N GLN B 203 -18.91 -12.23 44.02
CA GLN B 203 -19.60 -12.28 42.73
C GLN B 203 -18.64 -12.00 41.58
N ARG B 204 -17.38 -11.67 41.89
CA ARG B 204 -16.35 -11.67 40.87
C ARG B 204 -16.33 -13.12 40.40
N THR B 205 -16.07 -14.03 41.33
CA THR B 205 -15.96 -15.47 41.02
C THR B 205 -17.17 -16.02 40.27
N ALA B 206 -18.34 -15.45 40.52
CA ALA B 206 -19.55 -15.83 39.80
C ALA B 206 -19.41 -15.48 38.32
N THR B 207 -18.93 -14.27 38.05
CA THR B 207 -18.75 -13.82 36.69
C THR B 207 -17.70 -14.64 35.96
N LEU B 208 -16.54 -14.77 36.60
CA LEU B 208 -15.41 -15.48 36.04
C LEU B 208 -15.75 -16.88 35.55
N ALA B 209 -16.61 -17.59 36.28
CA ALA B 209 -16.99 -18.96 35.91
C ALA B 209 -17.57 -19.04 34.50
N GLN B 210 -18.17 -17.95 34.02
CA GLN B 210 -18.76 -17.91 32.68
C GLN B 210 -17.74 -17.66 31.58
N VAL B 211 -16.51 -17.30 31.96
CA VAL B 211 -15.44 -17.00 31.00
C VAL B 211 -14.44 -18.15 30.89
N PRO B 212 -14.46 -18.85 29.75
CA PRO B 212 -13.55 -19.95 29.52
C PRO B 212 -12.07 -19.60 29.71
N ALA B 213 -11.66 -18.36 29.44
CA ALA B 213 -10.27 -17.96 29.70
C ALA B 213 -10.00 -17.79 31.20
N GLY B 214 -11.05 -17.68 32.00
CA GLY B 214 -10.96 -17.72 33.44
C GLY B 214 -10.41 -16.45 34.05
N ARG B 215 -10.58 -15.34 33.34
CA ARG B 215 -10.09 -14.07 33.82
C ARG B 215 -10.80 -12.96 33.08
N LEU B 216 -10.82 -11.79 33.69
CA LEU B 216 -11.42 -10.66 33.04
C LEU B 216 -10.49 -10.15 31.96
N GLY B 217 -11.06 -9.39 31.03
CA GLY B 217 -10.26 -8.69 30.07
C GLY B 217 -9.71 -7.42 30.67
N ASP B 218 -8.62 -6.96 30.07
CA ASP B 218 -7.98 -5.70 30.37
C ASP B 218 -8.45 -4.69 29.32
N PRO B 219 -8.74 -3.43 29.70
CA PRO B 219 -9.11 -2.42 28.73
C PRO B 219 -8.09 -2.23 27.56
N ARG B 220 -6.80 -2.45 27.81
CA ARG B 220 -5.79 -2.42 26.76
C ARG B 220 -6.04 -3.46 25.66
N GLU B 221 -6.77 -4.52 25.97
CA GLU B 221 -7.02 -5.60 25.00
C GLU B 221 -8.19 -5.25 24.10
N ILE B 222 -9.09 -4.39 24.57
CA ILE B 222 -10.13 -3.89 23.72
C ILE B 222 -9.51 -2.90 22.80
N ALA B 223 -8.60 -2.09 23.36
CA ALA B 223 -7.89 -1.05 22.62
C ALA B 223 -7.03 -1.60 21.50
N SER B 224 -6.39 -2.72 21.76
CA SER B 224 -5.58 -3.42 20.74
C SER B 224 -6.42 -3.81 19.55
N ALA B 225 -7.60 -4.33 19.84
CA ALA B 225 -8.52 -4.74 18.82
C ALA B 225 -8.98 -3.55 17.97
N VAL B 226 -9.38 -2.48 18.65
CA VAL B 226 -9.81 -1.26 17.97
C VAL B 226 -8.71 -0.74 17.07
N ALA B 227 -7.51 -0.64 17.63
CA ALA B 227 -6.36 -0.13 16.87
C ALA B 227 -6.03 -1.00 15.65
N PHE B 228 -6.18 -2.31 15.77
CA PHE B 228 -6.01 -3.18 14.60
C PHE B 228 -7.02 -2.84 13.52
N LEU B 229 -8.28 -2.68 13.92
CA LEU B 229 -9.29 -2.38 12.96
C LEU B 229 -9.09 -1.01 12.33
N ALA B 230 -8.50 -0.09 13.07
CA ALA B 230 -8.25 1.28 12.60
C ALA B 230 -7.04 1.42 11.69
N SER B 231 -6.26 0.35 11.51
CA SER B 231 -5.05 0.44 10.71
C SER B 231 -5.32 0.29 9.20
N PRO B 232 -4.39 0.79 8.34
CA PRO B 232 -4.44 0.53 6.90
C PRO B 232 -4.45 -0.96 6.54
N GLU B 233 -3.83 -1.78 7.38
CA GLU B 233 -3.78 -3.24 7.17
C GLU B 233 -5.16 -3.93 7.23
N ALA B 234 -6.10 -3.34 7.99
CA ALA B 234 -7.45 -3.86 8.08
C ALA B 234 -8.38 -3.26 7.03
N ALA B 235 -7.86 -2.83 5.89
CA ALA B 235 -8.71 -2.18 4.86
C ALA B 235 -9.73 -3.09 4.25
N TYR B 236 -9.54 -4.39 4.37
CA TYR B 236 -10.42 -5.34 3.71
C TYR B 236 -11.35 -6.02 4.70
N ILE B 237 -11.38 -5.52 5.92
CA ILE B 237 -12.30 -6.03 6.93
C ILE B 237 -13.35 -4.98 7.14
N THR B 238 -14.58 -5.30 6.80
CA THR B 238 -15.67 -4.39 7.10
C THR B 238 -16.94 -5.17 7.32
N GLY B 239 -17.77 -4.70 8.26
CA GLY B 239 -19.05 -5.34 8.58
C GLY B 239 -18.88 -6.38 9.65
N GLU B 240 -17.73 -6.36 10.31
CA GLU B 240 -17.35 -7.42 11.22
C GLU B 240 -17.59 -7.04 12.65
N THR B 241 -17.89 -8.05 13.46
CA THR B 241 -17.94 -7.95 14.91
C THR B 241 -16.74 -8.71 15.46
N LEU B 242 -15.83 -8.00 16.10
CA LEU B 242 -14.66 -8.65 16.68
C LEU B 242 -14.92 -8.81 18.18
N HIS B 243 -15.17 -10.05 18.60
CA HIS B 243 -15.42 -10.36 20.00
C HIS B 243 -14.14 -10.48 20.73
N VAL B 244 -13.99 -9.68 21.79
CA VAL B 244 -12.85 -9.78 22.71
C VAL B 244 -13.37 -10.19 24.07
N ASN B 245 -13.57 -11.50 24.28
CA ASN B 245 -14.33 -11.95 25.44
C ASN B 245 -13.88 -13.25 26.10
N GLY B 246 -12.62 -13.65 25.92
CA GLY B 246 -12.13 -14.83 26.63
C GLY B 246 -12.84 -16.14 26.31
N GLY B 247 -13.51 -16.20 25.15
CA GLY B 247 -14.27 -17.37 24.70
C GLY B 247 -15.72 -17.44 25.15
N MET B 248 -16.26 -16.33 25.63
CA MET B 248 -17.52 -16.35 26.37
C MET B 248 -18.81 -16.72 25.62
N TYR B 249 -19.08 -16.06 24.49
CA TYR B 249 -20.30 -16.36 23.68
CA TYR B 249 -20.29 -16.35 23.69
C TYR B 249 -20.90 -17.72 24.03
N SER C 5 -8.98 0.15 -11.85
CA SER C 5 -8.23 -0.74 -10.89
C SER C 5 -7.50 0.10 -9.85
N GLN C 6 -6.80 -0.57 -8.93
CA GLN C 6 -6.01 0.11 -7.89
C GLN C 6 -4.70 0.71 -8.41
N PHE C 7 -4.43 0.59 -9.71
CA PHE C 7 -3.14 1.01 -10.27
C PHE C 7 -3.21 2.44 -10.76
N MET C 8 -2.37 3.31 -10.20
CA MET C 8 -2.36 4.73 -10.55
C MET C 8 -3.73 5.32 -10.37
N ASN C 9 -4.31 5.07 -9.21
CA ASN C 9 -5.67 5.46 -8.91
C ASN C 9 -5.59 6.67 -7.97
N LEU C 10 -6.15 7.80 -8.42
CA LEU C 10 -6.12 9.04 -7.66
C LEU C 10 -7.47 9.35 -7.00
N GLU C 11 -8.36 8.36 -6.97
CA GLU C 11 -9.67 8.54 -6.38
C GLU C 11 -9.56 9.00 -4.93
N GLY C 12 -10.30 10.05 -4.59
CA GLY C 12 -10.27 10.60 -3.25
C GLY C 12 -9.18 11.62 -3.03
N LYS C 13 -8.42 11.96 -4.09
CA LYS C 13 -7.35 12.93 -3.99
C LYS C 13 -7.81 14.25 -4.58
N VAL C 14 -7.50 15.36 -3.89
CA VAL C 14 -7.83 16.70 -4.33
C VAL C 14 -6.60 17.32 -4.95
N ALA C 15 -6.67 17.66 -6.25
CA ALA C 15 -5.50 18.14 -6.98
C ALA C 15 -5.72 19.56 -7.41
N LEU C 16 -4.80 20.45 -7.07
CA LEU C 16 -4.83 21.81 -7.57
C LEU C 16 -3.83 22.01 -8.69
N VAL C 17 -4.31 22.34 -9.88
CA VAL C 17 -3.43 22.57 -11.02
C VAL C 17 -3.45 24.05 -11.48
N THR C 18 -2.33 24.75 -11.34
CA THR C 18 -2.30 26.17 -11.76
C THR C 18 -2.06 26.30 -13.28
N GLY C 19 -2.67 27.30 -13.92
CA GLY C 19 -2.46 27.54 -15.36
C GLY C 19 -3.09 26.45 -16.20
N ALA C 20 -4.32 26.07 -15.86
CA ALA C 20 -4.96 24.87 -16.37
C ALA C 20 -5.89 25.09 -17.57
N SER C 21 -5.88 26.28 -18.15
CA SER C 21 -6.87 26.60 -19.18
C SER C 21 -6.55 26.03 -20.55
N ARG C 22 -5.28 25.76 -20.84
CA ARG C 22 -4.91 25.14 -22.12
C ARG C 22 -3.59 24.39 -22.09
N GLY C 23 -3.27 23.74 -23.21
CA GLY C 23 -1.98 23.11 -23.41
C GLY C 23 -1.58 22.16 -22.32
N ILE C 24 -0.40 22.37 -21.78
CA ILE C 24 0.15 21.44 -20.79
C ILE C 24 -0.73 21.36 -19.57
N GLY C 25 -1.18 22.53 -19.09
CA GLY C 25 -1.96 22.58 -17.87
C GLY C 25 -3.29 21.87 -17.98
N LYS C 26 -3.94 22.05 -19.12
CA LYS C 26 -5.21 21.37 -19.37
C LYS C 26 -5.03 19.88 -19.56
N ALA C 27 -3.93 19.47 -20.18
CA ALA C 27 -3.67 18.01 -20.28
C ALA C 27 -3.49 17.42 -18.89
N ILE C 28 -2.75 18.10 -18.04
CA ILE C 28 -2.48 17.61 -16.65
C ILE C 28 -3.79 17.45 -15.91
N ALA C 29 -4.60 18.51 -15.89
CA ALA C 29 -5.88 18.47 -15.16
C ALA C 29 -6.81 17.39 -15.70
N GLU C 30 -6.85 17.22 -17.01
CA GLU C 30 -7.73 16.19 -17.60
C GLU C 30 -7.32 14.79 -17.23
N LEU C 31 -6.02 14.53 -17.27
CA LEU C 31 -5.52 13.21 -16.94
C LEU C 31 -5.72 12.92 -15.46
N LEU C 32 -5.38 13.86 -14.59
CA LEU C 32 -5.62 13.70 -13.16
C LEU C 32 -7.09 13.39 -12.89
N ALA C 33 -7.97 14.02 -13.63
CA ALA C 33 -9.41 13.72 -13.52
C ALA C 33 -9.73 12.31 -14.03
N GLU C 34 -9.21 11.94 -15.21
CA GLU C 34 -9.38 10.57 -15.74
C GLU C 34 -8.99 9.49 -14.74
N ARG C 35 -7.96 9.76 -13.94
CA ARG C 35 -7.48 8.77 -12.96
C ARG C 35 -8.17 8.86 -11.61
N GLY C 36 -9.21 9.69 -11.50
CA GLY C 36 -10.04 9.75 -10.30
C GLY C 36 -9.82 10.94 -9.39
N ALA C 37 -8.92 11.85 -9.71
CA ALA C 37 -8.71 12.96 -8.79
C ALA C 37 -9.89 13.92 -8.88
N LYS C 38 -10.17 14.61 -7.78
CA LYS C 38 -11.06 15.77 -7.83
C LYS C 38 -10.17 16.97 -8.15
N VAL C 39 -10.32 17.54 -9.35
CA VAL C 39 -9.36 18.55 -9.85
C VAL C 39 -9.87 19.99 -9.83
N ILE C 40 -9.08 20.90 -9.22
CA ILE C 40 -9.31 22.30 -9.34
C ILE C 40 -8.20 22.91 -10.14
N GLY C 41 -8.53 23.40 -11.33
CA GLY C 41 -7.59 24.17 -12.14
C GLY C 41 -7.84 25.67 -12.04
N THR C 42 -6.83 26.47 -12.37
CA THR C 42 -6.92 27.91 -12.27
C THR C 42 -6.52 28.60 -13.55
N ALA C 43 -7.14 29.76 -13.76
CA ALA C 43 -6.78 30.68 -14.84
C ALA C 43 -6.73 32.07 -14.28
N THR C 44 -6.22 32.97 -15.11
CA THR C 44 -6.08 34.37 -14.71
C THR C 44 -7.41 35.14 -14.76
N SER C 45 -8.36 34.71 -15.60
CA SER C 45 -9.71 35.34 -15.66
C SER C 45 -10.85 34.39 -15.26
N GLU C 46 -12.05 34.93 -15.08
CA GLU C 46 -13.23 34.14 -14.73
C GLU C 46 -13.75 33.29 -15.90
N SER C 47 -13.54 33.77 -17.12
CA SER C 47 -13.92 33.03 -18.32
C SER C 47 -12.93 31.89 -18.57
N GLY C 48 -11.71 32.06 -18.08
CA GLY C 48 -10.75 30.98 -18.05
C GLY C 48 -11.23 29.92 -17.08
N ALA C 49 -11.50 30.34 -15.85
CA ALA C 49 -12.08 29.45 -14.83
C ALA C 49 -13.28 28.69 -15.33
N GLN C 50 -14.19 29.41 -15.97
CA GLN C 50 -15.45 28.83 -16.41
C GLN C 50 -15.23 27.76 -17.47
N ALA C 51 -14.25 28.01 -18.36
CA ALA C 51 -13.88 27.06 -19.40
C ALA C 51 -13.26 25.78 -18.81
N ILE C 52 -12.47 25.96 -17.75
CA ILE C 52 -11.96 24.83 -17.00
C ILE C 52 -13.09 24.06 -16.34
N SER C 53 -14.05 24.77 -15.78
CA SER C 53 -15.20 24.10 -15.18
C SER C 53 -15.93 23.25 -16.23
N ASP C 54 -16.06 23.82 -17.43
CA ASP C 54 -16.75 23.14 -18.53
C ASP C 54 -16.13 21.81 -18.90
N TYR C 55 -14.80 21.76 -19.03
CA TYR C 55 -14.15 20.52 -19.52
C TYR C 55 -13.92 19.50 -18.38
N LEU C 56 -13.90 19.97 -17.13
CA LEU C 56 -13.79 19.08 -15.96
C LEU C 56 -15.13 18.45 -15.58
N GLY C 57 -16.21 19.22 -15.70
CA GLY C 57 -17.58 18.74 -15.41
C GLY C 57 -17.72 18.35 -13.94
N ASP C 58 -18.27 17.16 -13.72
CA ASP C 58 -18.43 16.63 -12.38
C ASP C 58 -17.11 16.26 -11.68
N ASN C 59 -16.00 16.16 -12.42
CA ASN C 59 -14.71 15.77 -11.83
C ASN C 59 -13.95 16.90 -11.14
N GLY C 60 -14.46 18.12 -11.20
CA GLY C 60 -13.76 19.24 -10.58
C GLY C 60 -14.31 20.61 -10.95
N LYS C 61 -13.50 21.64 -10.76
CA LYS C 61 -13.85 22.96 -11.18
C LYS C 61 -12.68 23.89 -11.43
N GLY C 62 -12.99 25.04 -12.02
CA GLY C 62 -12.01 26.08 -12.28
C GLY C 62 -12.20 27.19 -11.28
N MET C 63 -11.11 27.83 -10.88
CA MET C 63 -11.19 29.05 -10.08
C MET C 63 -10.23 30.08 -10.65
N ALA C 64 -10.61 31.35 -10.52
CA ALA C 64 -9.77 32.47 -10.91
C ALA C 64 -8.72 32.67 -9.81
N LEU C 65 -7.45 32.79 -10.22
CA LEU C 65 -6.33 32.93 -9.25
C LEU C 65 -5.25 33.80 -9.89
N ASN C 66 -4.79 34.79 -9.14
CA ASN C 66 -3.59 35.54 -9.50
C ASN C 66 -2.46 35.04 -8.63
N VAL C 67 -1.51 34.33 -9.25
CA VAL C 67 -0.41 33.69 -8.51
C VAL C 67 0.51 34.69 -7.81
N THR C 68 0.56 35.92 -8.32
CA THR C 68 1.38 36.98 -7.74
C THR C 68 0.78 37.64 -6.49
N ASN C 69 -0.46 37.31 -6.13
CA ASN C 69 -1.18 38.01 -5.04
C ASN C 69 -1.51 37.11 -3.85
N PRO C 70 -0.87 37.34 -2.69
CA PRO C 70 -1.09 36.49 -1.50
C PRO C 70 -2.53 36.47 -1.01
N GLU C 71 -3.31 37.49 -1.36
CA GLU C 71 -4.71 37.51 -0.97
C GLU C 71 -5.52 36.54 -1.83
N SER C 72 -5.27 36.54 -3.13
CA SER C 72 -5.95 35.62 -4.05
C SER C 72 -5.63 34.16 -3.69
N ILE C 73 -4.36 33.90 -3.45
CA ILE C 73 -3.89 32.57 -3.05
C ILE C 73 -4.62 32.08 -1.79
N GLU C 74 -4.72 32.96 -0.79
CA GLU C 74 -5.31 32.58 0.50
C GLU C 74 -6.80 32.33 0.36
N ALA C 75 -7.45 33.10 -0.51
CA ALA C 75 -8.88 32.94 -0.75
C ALA C 75 -9.16 31.68 -1.54
N VAL C 76 -8.41 31.48 -2.63
CA VAL C 76 -8.58 30.30 -3.46
C VAL C 76 -8.40 29.02 -2.64
N LEU C 77 -7.39 28.97 -1.78
CA LEU C 77 -7.18 27.78 -0.94
C LEU C 77 -8.29 27.55 0.11
N LYS C 78 -8.79 28.63 0.70
CA LYS C 78 -9.90 28.53 1.66
C LYS C 78 -11.09 27.92 0.95
N ALA C 79 -11.43 28.48 -0.20
CA ALA C 79 -12.53 27.98 -1.02
C ALA C 79 -12.34 26.50 -1.33
N ILE C 80 -11.12 26.11 -1.69
CA ILE C 80 -10.85 24.69 -2.00
C ILE C 80 -11.01 23.85 -0.74
N THR C 81 -10.37 24.27 0.33
CA THR C 81 -10.44 23.51 1.58
C THR C 81 -11.88 23.32 2.05
N ASP C 82 -12.69 24.38 2.05
CA ASP C 82 -14.08 24.28 2.49
C ASP C 82 -14.89 23.27 1.71
N GLU C 83 -14.71 23.27 0.40
CA GLU C 83 -15.59 22.50 -0.48
C GLU C 83 -15.09 21.10 -0.72
N PHE C 84 -13.79 20.93 -0.80
CA PHE C 84 -13.20 19.66 -1.25
C PHE C 84 -12.34 18.96 -0.20
N GLY C 85 -11.71 19.73 0.68
CA GLY C 85 -10.76 19.22 1.65
C GLY C 85 -9.41 19.83 1.37
N GLY C 86 -8.42 19.49 2.19
CA GLY C 86 -7.05 19.92 1.93
C GLY C 86 -6.53 19.37 0.61
N VAL C 87 -5.65 20.15 -0.02
CA VAL C 87 -4.99 19.76 -1.25
C VAL C 87 -4.02 18.63 -0.98
N ASP C 88 -4.12 17.58 -1.80
CA ASP C 88 -3.22 16.43 -1.72
C ASP C 88 -2.17 16.48 -2.82
N ILE C 89 -2.55 17.03 -3.97
CA ILE C 89 -1.63 17.10 -5.11
C ILE C 89 -1.62 18.53 -5.61
N LEU C 90 -0.44 19.12 -5.70
CA LEU C 90 -0.27 20.48 -6.21
C LEU C 90 0.66 20.43 -7.42
N VAL C 91 0.13 20.88 -8.55
CA VAL C 91 0.90 20.98 -9.76
C VAL C 91 1.10 22.46 -10.05
N ASN C 92 2.31 22.94 -9.78
CA ASN C 92 2.67 24.30 -10.14
C ASN C 92 3.01 24.35 -11.59
N ASN C 93 2.09 24.86 -12.38
CA ASN C 93 2.32 25.00 -13.81
C ASN C 93 2.17 26.44 -14.31
N ALA C 94 1.56 27.31 -13.52
CA ALA C 94 1.51 28.73 -13.86
C ALA C 94 2.90 29.27 -14.25
N GLY C 95 2.92 30.03 -15.34
CA GLY C 95 4.11 30.70 -15.82
C GLY C 95 3.77 31.63 -16.97
N ILE C 96 4.36 32.82 -16.97
CA ILE C 96 4.33 33.68 -18.15
C ILE C 96 5.63 33.44 -18.90
N THR C 97 5.59 32.55 -19.88
CA THR C 97 6.76 32.22 -20.69
C THR C 97 6.76 33.21 -21.85
N ARG C 98 7.12 34.47 -21.54
CA ARG C 98 6.86 35.60 -22.41
C ARG C 98 8.14 36.33 -22.72
N ASP C 99 8.86 35.83 -23.71
CA ASP C 99 9.99 36.54 -24.28
C ASP C 99 10.78 37.30 -23.21
N ASN C 100 11.56 36.56 -22.41
CA ASN C 100 12.48 37.21 -21.48
C ASN C 100 13.55 37.98 -22.28
N LEU C 101 13.27 39.26 -22.51
CA LEU C 101 14.25 40.21 -23.05
C LEU C 101 14.72 41.15 -21.93
N LEU C 102 15.13 40.54 -20.80
CA LEU C 102 15.50 41.19 -19.53
C LEU C 102 16.14 42.59 -19.62
N MET C 103 17.14 42.73 -20.47
CA MET C 103 17.86 43.99 -20.56
C MET C 103 16.93 45.16 -20.86
N ARG C 104 15.95 44.92 -21.73
CA ARG C 104 15.06 45.97 -22.21
C ARG C 104 13.77 46.17 -21.38
N MET C 105 13.51 45.37 -20.35
CA MET C 105 12.23 45.53 -19.66
C MET C 105 12.33 46.48 -18.48
N LYS C 106 11.18 47.00 -18.05
CA LYS C 106 11.11 47.90 -16.91
C LYS C 106 11.10 47.04 -15.65
N GLU C 107 11.54 47.63 -14.55
CA GLU C 107 11.72 46.90 -13.29
C GLU C 107 10.44 46.29 -12.72
N GLU C 108 9.31 46.96 -12.94
CA GLU C 108 8.02 46.49 -12.46
C GLU C 108 7.50 45.33 -13.32
N GLU C 109 7.82 45.35 -14.61
CA GLU C 109 7.51 44.22 -15.50
C GLU C 109 8.38 43.02 -15.11
N TRP C 110 9.59 43.30 -14.65
CA TRP C 110 10.50 42.25 -14.24
C TRP C 110 10.12 41.67 -12.91
N SER C 111 9.61 42.51 -12.00
CA SER C 111 9.09 42.01 -10.74
C SER C 111 7.97 40.99 -11.01
N ASP C 112 7.02 41.35 -11.88
CA ASP C 112 5.89 40.49 -12.24
C ASP C 112 6.29 39.14 -12.87
N ILE C 113 7.30 39.14 -13.74
CA ILE C 113 7.81 37.90 -14.33
C ILE C 113 8.40 36.96 -13.27
N MET C 114 9.06 37.51 -12.25
CA MET C 114 9.68 36.72 -11.18
C MET C 114 8.66 36.22 -10.18
N GLU C 115 7.76 37.08 -9.73
CA GLU C 115 6.64 36.67 -8.85
C GLU C 115 5.82 35.55 -9.50
N THR C 116 5.46 35.70 -10.77
CA THR C 116 4.64 34.71 -11.48
C THR C 116 5.37 33.39 -11.71
N ASN C 117 6.62 33.46 -12.13
CA ASN C 117 7.38 32.26 -12.50
C ASN C 117 7.94 31.48 -11.28
N LEU C 118 8.49 32.19 -10.29
CA LEU C 118 9.21 31.63 -9.13
C LEU C 118 8.56 31.78 -7.73
N THR C 119 8.30 33.02 -7.33
CA THR C 119 7.74 33.31 -6.01
C THR C 119 6.39 32.63 -5.78
N SER C 120 5.64 32.47 -6.84
CA SER C 120 4.33 31.83 -6.77
C SER C 120 4.47 30.36 -6.36
N ILE C 121 5.42 29.67 -7.00
CA ILE C 121 5.78 28.29 -6.65
C ILE C 121 6.05 28.18 -5.14
N PHE C 122 6.94 29.02 -4.63
N PHE C 122 6.94 29.03 -4.64
CA PHE C 122 7.23 29.03 -3.19
CA PHE C 122 7.24 29.03 -3.22
C PHE C 122 5.97 29.27 -2.36
C PHE C 122 5.98 29.27 -2.36
N ARG C 123 5.16 30.24 -2.76
CA ARG C 123 3.95 30.62 -1.98
C ARG C 123 2.89 29.54 -1.93
N LEU C 124 2.57 28.98 -3.10
CA LEU C 124 1.62 27.90 -3.20
C LEU C 124 2.11 26.67 -2.47
N SER C 125 3.36 26.32 -2.69
CA SER C 125 3.93 25.12 -2.09
C SER C 125 3.88 25.25 -0.57
N LYS C 126 4.25 26.41 -0.07
CA LYS C 126 4.30 26.64 1.36
C LYS C 126 2.91 26.55 1.99
N ALA C 127 1.93 27.21 1.36
CA ALA C 127 0.57 27.19 1.85
C ALA C 127 -0.06 25.76 1.91
N VAL C 128 0.15 24.91 0.92
CA VAL C 128 -0.45 23.55 0.93
C VAL C 128 0.35 22.57 1.81
N LEU C 129 1.59 22.90 2.10
CA LEU C 129 2.52 21.97 2.73
C LEU C 129 2.16 21.63 4.18
N ARG C 130 1.61 22.59 4.91
CA ARG C 130 1.28 22.34 6.30
C ARG C 130 0.29 21.19 6.40
N GLY C 131 -0.75 21.23 5.58
CA GLY C 131 -1.77 20.20 5.57
C GLY C 131 -1.21 18.85 5.20
N MET C 132 -0.47 18.81 4.09
CA MET C 132 0.15 17.56 3.62
C MET C 132 1.04 16.94 4.69
N MET C 133 1.84 17.75 5.37
CA MET C 133 2.79 17.22 6.36
C MET C 133 2.08 16.75 7.60
N LYS C 134 1.01 17.45 7.98
CA LYS C 134 0.12 16.98 9.07
C LYS C 134 -0.53 15.64 8.72
N LYS C 135 -0.92 15.48 7.46
CA LYS C 135 -1.50 14.26 6.91
C LYS C 135 -0.49 13.15 6.65
N ARG C 136 0.80 13.50 6.55
CA ARG C 136 1.85 12.56 6.08
C ARG C 136 1.58 12.06 4.67
N GLN C 137 1.16 12.97 3.80
CA GLN C 137 0.76 12.58 2.45
C GLN C 137 0.62 13.81 1.60
N GLY C 138 1.38 13.86 0.52
CA GLY C 138 1.29 14.98 -0.39
C GLY C 138 2.23 14.80 -1.57
N ARG C 139 1.88 15.49 -2.63
CA ARG C 139 2.63 15.48 -3.85
C ARG C 139 2.67 16.93 -4.28
N ILE C 140 3.88 17.41 -4.53
CA ILE C 140 4.05 18.69 -5.18
C ILE C 140 4.86 18.42 -6.43
N ILE C 141 4.35 18.84 -7.58
CA ILE C 141 5.04 18.62 -8.84
C ILE C 141 5.21 19.96 -9.54
N ASN C 142 6.46 20.37 -9.72
CA ASN C 142 6.72 21.64 -10.38
C ASN C 142 7.04 21.38 -11.83
N VAL C 143 6.26 21.98 -12.72
CA VAL C 143 6.47 21.77 -14.14
C VAL C 143 7.49 22.76 -14.69
N ALA C 161 9.79 27.77 -15.80
CA ALA C 161 10.24 29.03 -15.21
C ALA C 161 11.77 29.05 -15.04
N LYS C 162 12.27 29.84 -14.11
CA LYS C 162 13.71 29.89 -13.87
C LYS C 162 14.28 28.50 -13.58
N ALA C 163 15.57 28.34 -13.90
CA ALA C 163 16.36 27.16 -13.55
C ALA C 163 16.62 27.03 -12.05
N GLY C 164 16.25 28.05 -11.26
CA GLY C 164 16.15 27.93 -9.80
C GLY C 164 15.07 26.97 -9.33
N VAL C 165 14.15 26.59 -10.22
CA VAL C 165 13.10 25.64 -9.85
C VAL C 165 13.67 24.31 -9.37
N ILE C 166 14.70 23.81 -10.07
CA ILE C 166 15.26 22.51 -9.75
C ILE C 166 15.91 22.57 -8.37
N GLY C 167 16.62 23.66 -8.08
CA GLY C 167 17.22 23.83 -6.76
C GLY C 167 16.18 23.87 -5.67
N PHE C 168 15.11 24.61 -5.90
CA PHE C 168 14.04 24.73 -4.89
C PHE C 168 13.36 23.38 -4.66
N THR C 169 13.08 22.66 -5.73
CA THR C 169 12.53 21.29 -5.63
C THR C 169 13.39 20.38 -4.74
N LYS C 170 14.69 20.32 -4.99
CA LYS C 170 15.56 19.37 -4.29
C LYS C 170 15.77 19.78 -2.84
N SER C 171 15.89 21.08 -2.56
CA SER C 171 15.98 21.53 -1.17
C SER C 171 14.71 21.21 -0.40
N MET C 172 13.57 21.52 -0.99
CA MET C 172 12.28 21.28 -0.31
C MET C 172 12.04 19.78 -0.15
N ALA C 173 12.42 19.00 -1.16
CA ALA C 173 12.25 17.54 -1.10
C ALA C 173 12.99 16.93 0.09
N ARG C 174 14.24 17.35 0.29
CA ARG C 174 15.03 16.87 1.43
C ARG C 174 14.33 17.15 2.78
N GLU C 175 13.70 18.32 2.88
CA GLU C 175 13.15 18.79 4.14
C GLU C 175 11.87 18.07 4.52
N VAL C 176 11.05 17.70 3.53
CA VAL C 176 9.72 17.19 3.80
C VAL C 176 9.58 15.71 3.56
N ALA C 177 10.62 15.07 3.05
CA ALA C 177 10.57 13.65 2.69
C ALA C 177 10.13 12.74 3.86
N SER C 178 10.59 13.06 5.05
CA SER C 178 10.33 12.22 6.22
C SER C 178 8.87 12.27 6.66
N ARG C 179 8.16 13.32 6.25
CA ARG C 179 6.74 13.43 6.57
C ARG C 179 5.79 13.07 5.42
N GLY C 180 6.25 12.21 4.52
CA GLY C 180 5.38 11.55 3.56
C GLY C 180 5.00 12.38 2.36
N VAL C 181 5.74 13.47 2.12
CA VAL C 181 5.44 14.40 1.03
C VAL C 181 6.60 14.36 0.09
N THR C 182 6.34 14.19 -1.20
CA THR C 182 7.40 14.19 -2.22
C THR C 182 7.27 15.44 -3.07
N VAL C 183 8.42 15.92 -3.55
CA VAL C 183 8.48 17.15 -4.32
C VAL C 183 9.33 16.83 -5.52
N ASN C 184 8.76 16.93 -6.72
CA ASN C 184 9.46 16.57 -7.93
C ASN C 184 9.26 17.58 -9.04
N THR C 185 10.22 17.67 -9.96
CA THR C 185 10.10 18.52 -11.14
C THR C 185 9.89 17.64 -12.39
N VAL C 186 9.00 18.08 -13.28
CA VAL C 186 8.92 17.57 -14.64
C VAL C 186 9.53 18.68 -15.52
N ALA C 187 10.59 18.36 -16.28
CA ALA C 187 11.24 19.33 -17.17
C ALA C 187 10.91 19.03 -18.65
N PRO C 188 9.96 19.76 -19.24
CA PRO C 188 9.65 19.57 -20.66
C PRO C 188 10.66 20.12 -21.62
N GLY C 189 10.75 19.48 -22.78
CA GLY C 189 11.52 20.03 -23.90
C GLY C 189 10.57 20.82 -24.75
N PHE C 190 10.75 20.72 -26.05
CA PHE C 190 9.88 21.38 -27.02
C PHE C 190 8.56 20.61 -27.15
N ILE C 191 7.50 21.19 -26.58
CA ILE C 191 6.17 20.58 -26.62
C ILE C 191 5.35 21.36 -27.63
N GLU C 192 4.50 20.66 -28.38
CA GLU C 192 3.62 21.27 -29.36
C GLU C 192 2.47 22.01 -28.65
N THR C 193 2.59 23.32 -28.52
CA THR C 193 1.50 24.16 -28.02
C THR C 193 1.07 25.01 -29.21
N ASP C 194 0.15 25.95 -28.99
CA ASP C 194 -0.30 26.84 -30.07
C ASP C 194 0.88 27.60 -30.70
N MET C 195 1.73 28.21 -29.86
CA MET C 195 2.97 28.87 -30.33
C MET C 195 3.82 27.96 -31.25
N GLU C 202 7.93 25.29 -42.21
CA GLU C 202 8.44 26.51 -41.54
C GLU C 202 9.81 26.36 -40.84
N GLN C 203 10.05 27.26 -39.87
CA GLN C 203 11.25 27.27 -39.02
C GLN C 203 11.17 26.25 -37.88
N ARG C 204 10.17 25.37 -37.93
CA ARG C 204 10.00 24.30 -36.98
C ARG C 204 11.08 23.25 -37.19
N THR C 205 11.33 22.92 -38.45
CA THR C 205 12.40 22.00 -38.83
C THR C 205 13.75 22.35 -38.15
N ALA C 206 13.94 23.63 -37.87
CA ALA C 206 15.11 24.07 -37.13
C ALA C 206 15.10 23.53 -35.70
N THR C 207 13.94 23.61 -35.05
CA THR C 207 13.82 23.12 -33.69
C THR C 207 13.99 21.61 -33.63
N LEU C 208 13.28 20.92 -34.52
CA LEU C 208 13.28 19.47 -34.57
C LEU C 208 14.68 18.88 -34.64
N ALA C 209 15.58 19.55 -35.35
CA ALA C 209 16.95 19.06 -35.51
C ALA C 209 17.69 18.91 -34.18
N GLN C 210 17.27 19.68 -33.16
CA GLN C 210 17.90 19.59 -31.82
C GLN C 210 17.39 18.41 -30.98
N VAL C 211 16.32 17.77 -31.43
CA VAL C 211 15.71 16.67 -30.67
C VAL C 211 16.03 15.32 -31.30
N PRO C 212 16.81 14.50 -30.57
CA PRO C 212 17.14 13.16 -31.02
C PRO C 212 15.94 12.29 -31.38
N ALA C 213 14.80 12.48 -30.73
CA ALA C 213 13.60 11.71 -31.10
C ALA C 213 12.99 12.23 -32.41
N GLY C 214 13.37 13.44 -32.82
CA GLY C 214 13.01 13.98 -34.13
C GLY C 214 11.57 14.43 -34.25
N ARG C 215 10.97 14.79 -33.13
CA ARG C 215 9.61 15.26 -33.11
C ARG C 215 9.35 16.05 -31.84
N LEU C 216 8.32 16.89 -31.87
CA LEU C 216 7.93 17.61 -30.69
C LEU C 216 7.20 16.69 -29.74
N GLY C 217 7.17 17.08 -28.47
CA GLY C 217 6.36 16.38 -27.49
C GLY C 217 4.92 16.81 -27.62
N ASP C 218 4.04 15.93 -27.15
CA ASP C 218 2.63 16.17 -27.02
C ASP C 218 2.38 16.57 -25.55
N PRO C 219 1.51 17.58 -25.30
CA PRO C 219 1.19 17.93 -23.91
C PRO C 219 0.69 16.75 -23.03
N ARG C 220 0.02 15.76 -23.64
CA ARG C 220 -0.42 14.56 -22.92
CA ARG C 220 -0.42 14.57 -22.91
C ARG C 220 0.76 13.77 -22.34
N GLU C 221 1.95 13.97 -22.91
CA GLU C 221 3.15 13.22 -22.47
C GLU C 221 3.79 13.90 -21.28
N ILE C 222 3.55 15.19 -21.12
CA ILE C 222 3.98 15.88 -19.90
C ILE C 222 3.02 15.49 -18.80
N ALA C 223 1.73 15.39 -19.14
CA ALA C 223 0.68 15.07 -18.18
C ALA C 223 0.81 13.66 -17.66
N SER C 224 1.20 12.73 -18.53
CA SER C 224 1.50 11.36 -18.12
C SER C 224 2.58 11.29 -17.06
N ALA C 225 3.64 12.06 -17.27
CA ALA C 225 4.74 12.14 -16.32
C ALA C 225 4.27 12.71 -14.96
N VAL C 226 3.56 13.82 -15.02
CA VAL C 226 3.00 14.46 -13.81
C VAL C 226 2.10 13.49 -13.05
N ALA C 227 1.20 12.86 -13.76
CA ALA C 227 0.29 11.92 -13.16
C ALA C 227 0.95 10.71 -12.50
N PHE C 228 1.99 10.18 -13.15
CA PHE C 228 2.81 9.13 -12.54
C PHE C 228 3.39 9.60 -11.22
N LEU C 229 3.97 10.79 -11.21
CA LEU C 229 4.59 11.30 -10.01
C LEU C 229 3.57 11.58 -8.93
N ALA C 230 2.34 11.92 -9.32
CA ALA C 230 1.25 12.16 -8.36
C ALA C 230 0.63 10.91 -7.75
N SER C 231 0.98 9.73 -8.24
CA SER C 231 0.33 8.50 -7.76
C SER C 231 0.93 7.99 -6.46
N PRO C 232 0.17 7.17 -5.71
CA PRO C 232 0.72 6.46 -4.55
C PRO C 232 1.93 5.58 -4.89
N GLU C 233 1.97 5.07 -6.10
CA GLU C 233 3.10 4.23 -6.56
C GLU C 233 4.45 4.97 -6.64
N ALA C 234 4.40 6.30 -6.80
CA ALA C 234 5.60 7.15 -6.82
C ALA C 234 5.97 7.64 -5.47
N ALA C 235 5.55 6.96 -4.42
CA ALA C 235 5.78 7.46 -3.07
C ALA C 235 7.27 7.47 -2.68
N TYR C 236 8.10 6.75 -3.41
CA TYR C 236 9.53 6.64 -3.06
C TYR C 236 10.40 7.44 -4.00
N ILE C 237 9.77 8.27 -4.82
CA ILE C 237 10.51 9.16 -5.71
C ILE C 237 10.33 10.57 -5.20
N THR C 238 11.42 11.18 -4.77
CA THR C 238 11.35 12.60 -4.42
C THR C 238 12.70 13.25 -4.69
N GLY C 239 12.65 14.52 -5.11
CA GLY C 239 13.86 15.31 -5.38
C GLY C 239 14.30 15.12 -6.82
N GLU C 240 13.43 14.56 -7.64
CA GLU C 240 13.78 14.19 -8.96
C GLU C 240 13.31 15.22 -9.97
N THR C 241 14.06 15.31 -11.05
CA THR C 241 13.68 16.03 -12.22
C THR C 241 13.41 15.03 -13.32
N LEU C 242 12.18 14.94 -13.79
CA LEU C 242 11.84 14.04 -14.85
C LEU C 242 11.80 14.81 -16.15
N HIS C 243 12.82 14.59 -17.00
CA HIS C 243 12.94 15.24 -18.29
C HIS C 243 12.12 14.48 -19.31
N VAL C 244 11.19 15.18 -19.94
CA VAL C 244 10.36 14.64 -21.02
C VAL C 244 10.67 15.45 -22.23
N ASN C 245 11.74 15.07 -22.92
CA ASN C 245 12.28 15.92 -23.98
C ASN C 245 12.87 15.23 -25.22
N GLY C 246 12.46 14.01 -25.52
CA GLY C 246 12.91 13.36 -26.75
C GLY C 246 14.41 13.09 -26.84
N GLY C 247 15.08 13.04 -25.67
CA GLY C 247 16.51 12.79 -25.57
C GLY C 247 17.38 14.04 -25.60
N MET C 248 16.78 15.21 -25.45
CA MET C 248 17.48 16.44 -25.78
C MET C 248 18.75 16.69 -24.94
N TYR C 249 18.86 16.18 -23.70
CA TYR C 249 20.01 16.57 -22.83
C TYR C 249 21.15 17.17 -23.64
N MET D 4 -7.30 -2.64 -17.82
CA MET D 4 -8.66 -2.23 -18.31
C MET D 4 -8.53 -1.11 -19.35
N SER D 5 -8.28 0.13 -18.93
CA SER D 5 -8.37 1.29 -19.82
C SER D 5 -7.17 1.42 -20.75
N GLN D 6 -7.19 2.44 -21.61
CA GLN D 6 -6.07 2.73 -22.52
C GLN D 6 -4.87 3.39 -21.84
N PHE D 7 -4.93 3.58 -20.52
CA PHE D 7 -3.86 4.25 -19.80
C PHE D 7 -2.81 3.26 -19.27
N MET D 8 -1.56 3.40 -19.68
CA MET D 8 -0.48 2.50 -19.27
C MET D 8 -0.83 1.06 -19.61
N ASN D 9 -1.26 0.85 -20.83
CA ASN D 9 -1.77 -0.43 -21.26
C ASN D 9 -0.67 -1.08 -22.12
N LEU D 10 -0.22 -2.26 -21.70
CA LEU D 10 0.86 -2.95 -22.40
C LEU D 10 0.35 -4.12 -23.22
N GLU D 11 -0.97 -4.18 -23.44
CA GLU D 11 -1.57 -5.30 -24.15
C GLU D 11 -0.97 -5.41 -25.55
N GLY D 12 -0.53 -6.61 -25.92
CA GLY D 12 0.06 -6.82 -27.22
C GLY D 12 1.56 -6.59 -27.22
N LYS D 13 2.15 -6.30 -26.06
CA LYS D 13 3.60 -6.05 -25.96
C LYS D 13 4.28 -7.26 -25.40
N VAL D 14 5.42 -7.63 -25.97
CA VAL D 14 6.24 -8.76 -25.50
C VAL D 14 7.41 -8.24 -24.71
N ALA D 15 7.47 -8.60 -23.43
CA ALA D 15 8.50 -8.07 -22.55
C ALA D 15 9.43 -9.15 -22.15
N LEU D 16 10.73 -8.92 -22.28
CA LEU D 16 11.73 -9.84 -21.72
C LEU D 16 12.36 -9.25 -20.46
N VAL D 17 12.14 -9.87 -19.32
CA VAL D 17 12.71 -9.41 -18.06
C VAL D 17 13.82 -10.36 -17.54
N THR D 18 15.05 -9.91 -17.48
CA THR D 18 16.15 -10.77 -17.02
C THR D 18 16.19 -10.80 -15.49
N GLY D 19 16.54 -11.94 -14.90
CA GLY D 19 16.71 -12.02 -13.43
C GLY D 19 15.40 -11.91 -12.70
N ALA D 20 14.40 -12.61 -13.24
CA ALA D 20 13.02 -12.38 -12.87
C ALA D 20 12.50 -13.35 -11.80
N SER D 21 13.37 -14.13 -11.17
CA SER D 21 12.92 -15.18 -10.26
C SER D 21 12.48 -14.67 -8.90
N ARG D 22 12.98 -13.52 -8.48
CA ARG D 22 12.59 -12.97 -7.18
CA ARG D 22 12.56 -12.96 -7.19
C ARG D 22 12.82 -11.46 -7.06
N GLY D 23 12.37 -10.90 -5.93
CA GLY D 23 12.56 -9.51 -5.58
C GLY D 23 12.16 -8.53 -6.67
N ILE D 24 13.08 -7.65 -7.02
CA ILE D 24 12.82 -6.56 -7.95
C ILE D 24 12.41 -7.13 -9.30
N GLY D 25 13.11 -8.15 -9.76
CA GLY D 25 12.85 -8.73 -11.07
C GLY D 25 11.48 -9.35 -11.21
N LYS D 26 11.08 -10.09 -10.18
CA LYS D 26 9.76 -10.70 -10.14
C LYS D 26 8.66 -9.64 -9.99
N ALA D 27 8.90 -8.59 -9.22
CA ALA D 27 7.93 -7.49 -9.11
C ALA D 27 7.73 -6.82 -10.48
N ILE D 28 8.82 -6.58 -11.21
CA ILE D 28 8.76 -6.00 -12.58
C ILE D 28 7.95 -6.89 -13.50
N ALA D 29 8.31 -8.17 -13.58
CA ALA D 29 7.60 -9.11 -14.49
C ALA D 29 6.10 -9.23 -14.14
N GLU D 30 5.77 -9.27 -12.87
CA GLU D 30 4.37 -9.38 -12.47
C GLU D 30 3.59 -8.15 -12.90
N LEU D 31 4.15 -6.97 -12.67
CA LEU D 31 3.43 -5.73 -12.96
C LEU D 31 3.27 -5.56 -14.45
N LEU D 32 4.32 -5.81 -15.21
CA LEU D 32 4.19 -5.83 -16.67
C LEU D 32 3.07 -6.77 -17.15
N ALA D 33 2.97 -7.94 -16.52
CA ALA D 33 1.86 -8.87 -16.84
C ALA D 33 0.49 -8.31 -16.42
N GLU D 34 0.38 -7.73 -15.23
CA GLU D 34 -0.86 -7.04 -14.80
C GLU D 34 -1.37 -6.02 -15.78
N ARG D 35 -0.46 -5.32 -16.44
CA ARG D 35 -0.80 -4.28 -17.37
C ARG D 35 -0.98 -4.76 -18.80
N GLY D 36 -0.95 -6.08 -18.99
CA GLY D 36 -1.30 -6.69 -20.28
C GLY D 36 -0.14 -7.21 -21.08
N ALA D 37 1.09 -7.04 -20.61
CA ALA D 37 2.22 -7.47 -21.42
C ALA D 37 2.34 -9.01 -21.43
N LYS D 38 2.84 -9.57 -22.51
CA LYS D 38 3.20 -11.00 -22.54
C LYS D 38 4.63 -11.08 -22.06
N VAL D 39 4.86 -11.64 -20.85
CA VAL D 39 6.17 -11.54 -20.19
C VAL D 39 6.98 -12.83 -20.19
N ILE D 40 8.22 -12.72 -20.67
CA ILE D 40 9.19 -13.79 -20.54
C ILE D 40 10.25 -13.34 -19.58
N GLY D 41 10.30 -13.97 -18.42
CA GLY D 41 11.35 -13.75 -17.45
C GLY D 41 12.39 -14.85 -17.50
N THR D 42 13.59 -14.53 -17.01
CA THR D 42 14.68 -15.46 -17.07
C THR D 42 15.32 -15.67 -15.71
N ALA D 43 15.86 -16.87 -15.53
CA ALA D 43 16.68 -17.24 -14.40
C ALA D 43 17.93 -18.01 -14.94
N THR D 44 18.90 -18.24 -14.06
CA THR D 44 20.11 -18.97 -14.43
C THR D 44 19.87 -20.46 -14.58
N SER D 45 18.88 -21.02 -13.89
CA SER D 45 18.59 -22.46 -13.97
C SER D 45 17.21 -22.76 -14.53
N GLU D 46 16.94 -24.03 -14.84
CA GLU D 46 15.65 -24.48 -15.37
C GLU D 46 14.54 -24.51 -14.30
N SER D 47 14.94 -24.72 -13.05
CA SER D 47 14.01 -24.66 -11.93
C SER D 47 13.67 -23.20 -11.59
N GLY D 48 14.58 -22.29 -11.93
CA GLY D 48 14.29 -20.87 -11.86
C GLY D 48 13.25 -20.55 -12.89
N ALA D 49 13.53 -20.93 -14.14
CA ALA D 49 12.62 -20.77 -15.26
C ALA D 49 11.24 -21.32 -14.97
N GLN D 50 11.19 -22.52 -14.41
CA GLN D 50 9.93 -23.19 -14.13
C GLN D 50 9.11 -22.43 -13.07
N ALA D 51 9.78 -21.88 -12.06
CA ALA D 51 9.11 -21.12 -11.02
C ALA D 51 8.56 -19.79 -11.56
N ILE D 52 9.29 -19.18 -12.49
CA ILE D 52 8.78 -18.02 -13.20
C ILE D 52 7.56 -18.38 -14.05
N SER D 53 7.59 -19.55 -14.68
CA SER D 53 6.44 -20.01 -15.45
C SER D 53 5.23 -20.15 -14.55
N ASP D 54 5.48 -20.68 -13.36
CA ASP D 54 4.41 -20.90 -12.39
C ASP D 54 3.67 -19.61 -12.00
N TYR D 55 4.39 -18.54 -11.69
CA TYR D 55 3.77 -17.32 -11.18
C TYR D 55 3.22 -16.43 -12.31
N LEU D 56 3.73 -16.59 -13.53
CA LEU D 56 3.20 -15.86 -14.70
C LEU D 56 1.94 -16.50 -15.26
N GLY D 57 1.90 -17.82 -15.26
CA GLY D 57 0.74 -18.55 -15.79
C GLY D 57 0.52 -18.28 -17.26
N ASP D 58 -0.73 -17.99 -17.62
CA ASP D 58 -1.09 -17.70 -19.01
C ASP D 58 -0.52 -16.35 -19.53
N ASN D 59 -0.05 -15.48 -18.64
CA ASN D 59 0.51 -14.18 -19.04
C ASN D 59 1.97 -14.21 -19.54
N GLY D 60 2.61 -15.38 -19.51
CA GLY D 60 3.97 -15.49 -19.99
C GLY D 60 4.67 -16.78 -19.66
N LYS D 61 6.00 -16.75 -19.67
CA LYS D 61 6.78 -17.90 -19.24
C LYS D 61 8.20 -17.56 -18.83
N GLY D 62 8.86 -18.55 -18.24
CA GLY D 62 10.24 -18.44 -17.82
C GLY D 62 11.12 -19.21 -18.77
N MET D 63 12.33 -18.69 -18.99
CA MET D 63 13.32 -19.39 -19.76
C MET D 63 14.64 -19.27 -19.03
N ALA D 64 15.47 -20.29 -19.19
CA ALA D 64 16.82 -20.29 -18.70
C ALA D 64 17.68 -19.44 -19.62
N LEU D 65 18.50 -18.58 -19.05
CA LEU D 65 19.38 -17.71 -19.82
C LEU D 65 20.66 -17.48 -19.03
N ASN D 66 21.80 -17.68 -19.69
CA ASN D 66 23.09 -17.24 -19.18
C ASN D 66 23.49 -15.97 -19.93
N VAL D 67 23.45 -14.83 -19.25
CA VAL D 67 23.70 -13.53 -19.91
C VAL D 67 25.13 -13.39 -20.46
N THR D 68 26.07 -14.14 -19.87
CA THR D 68 27.46 -14.09 -20.30
C THR D 68 27.73 -14.90 -21.56
N ASN D 69 26.75 -15.63 -22.08
CA ASN D 69 26.95 -16.53 -23.19
C ASN D 69 26.14 -16.15 -24.45
N PRO D 70 26.84 -15.73 -25.53
CA PRO D 70 26.15 -15.33 -26.77
C PRO D 70 25.29 -16.42 -27.41
N GLU D 71 25.59 -17.67 -27.11
CA GLU D 71 24.81 -18.79 -27.66
C GLU D 71 23.48 -18.90 -26.94
N SER D 72 23.49 -18.77 -25.63
CA SER D 72 22.25 -18.81 -24.83
C SER D 72 21.32 -17.65 -25.22
N ILE D 73 21.91 -16.46 -25.33
CA ILE D 73 21.17 -15.24 -25.73
C ILE D 73 20.48 -15.42 -27.09
N GLU D 74 21.20 -15.98 -28.05
CA GLU D 74 20.67 -16.17 -29.40
C GLU D 74 19.56 -17.22 -29.41
N ALA D 75 19.70 -18.25 -28.58
CA ALA D 75 18.68 -19.30 -28.54
C ALA D 75 17.43 -18.81 -27.83
N VAL D 76 17.62 -18.17 -26.69
CA VAL D 76 16.48 -17.65 -25.93
C VAL D 76 15.66 -16.69 -26.79
N LEU D 77 16.32 -15.82 -27.56
CA LEU D 77 15.57 -14.88 -28.41
C LEU D 77 14.86 -15.55 -29.57
N LYS D 78 15.48 -16.56 -30.16
CA LYS D 78 14.82 -17.31 -31.25
C LYS D 78 13.55 -17.93 -30.72
N ALA D 79 13.67 -18.62 -29.59
CA ALA D 79 12.52 -19.23 -28.94
C ALA D 79 11.43 -18.20 -28.67
N ILE D 80 11.81 -17.03 -28.20
CA ILE D 80 10.83 -15.99 -27.94
C ILE D 80 10.22 -15.53 -29.24
N THR D 81 11.06 -15.19 -30.21
CA THR D 81 10.55 -14.66 -31.48
C THR D 81 9.55 -15.64 -32.12
N ASP D 82 9.91 -16.92 -32.17
CA ASP D 82 9.03 -17.93 -32.79
C ASP D 82 7.65 -18.01 -32.14
N GLU D 83 7.61 -17.94 -30.82
CA GLU D 83 6.38 -18.22 -30.10
C GLU D 83 5.56 -16.97 -29.81
N PHE D 84 6.24 -15.85 -29.57
CA PHE D 84 5.56 -14.65 -29.12
C PHE D 84 5.63 -13.46 -30.10
N GLY D 85 6.72 -13.38 -30.85
CA GLY D 85 6.98 -12.23 -31.71
C GLY D 85 8.26 -11.57 -31.23
N GLY D 86 8.70 -10.53 -31.93
CA GLY D 86 9.86 -9.75 -31.49
C GLY D 86 9.62 -9.08 -30.15
N VAL D 87 10.69 -8.89 -29.41
CA VAL D 87 10.67 -8.24 -28.12
C VAL D 87 10.41 -6.75 -28.31
N ASP D 88 9.45 -6.25 -27.54
CA ASP D 88 9.11 -4.83 -27.54
C ASP D 88 9.68 -4.12 -26.32
N ILE D 89 9.77 -4.85 -25.20
CA ILE D 89 10.27 -4.26 -23.97
C ILE D 89 11.34 -5.14 -23.40
N LEU D 90 12.49 -4.57 -23.08
CA LEU D 90 13.60 -5.31 -22.48
C LEU D 90 13.98 -4.65 -21.17
N VAL D 91 13.90 -5.43 -20.10
CA VAL D 91 14.32 -4.98 -18.80
C VAL D 91 15.56 -5.74 -18.41
N ASN D 92 16.70 -5.05 -18.46
CA ASN D 92 17.96 -5.60 -18.01
C ASN D 92 18.05 -5.46 -16.53
N ASN D 93 17.80 -6.55 -15.84
CA ASN D 93 17.86 -6.59 -14.41
C ASN D 93 18.80 -7.74 -14.05
N ALA D 94 19.95 -7.44 -13.48
CA ALA D 94 20.86 -8.52 -13.09
C ALA D 94 22.19 -7.96 -12.64
N GLU D 109 35.85 -7.98 -9.29
CA GLU D 109 35.35 -6.73 -8.75
C GLU D 109 35.07 -5.73 -9.88
N TRP D 110 36.15 -5.22 -10.47
CA TRP D 110 36.04 -4.48 -11.71
C TRP D 110 35.73 -5.45 -12.84
N SER D 111 36.25 -6.67 -12.75
CA SER D 111 35.91 -7.69 -13.74
C SER D 111 34.42 -7.98 -13.68
N ASP D 112 33.90 -8.17 -12.47
CA ASP D 112 32.48 -8.42 -12.30
C ASP D 112 31.69 -7.32 -12.98
N ILE D 113 31.96 -6.08 -12.59
CA ILE D 113 31.16 -4.97 -13.09
C ILE D 113 31.27 -4.89 -14.60
N MET D 114 32.51 -4.80 -15.06
CA MET D 114 32.71 -4.50 -16.46
C MET D 114 32.08 -5.63 -17.24
N GLU D 115 32.67 -6.79 -17.11
CA GLU D 115 32.38 -7.86 -18.02
C GLU D 115 30.93 -8.24 -17.79
N THR D 116 30.61 -8.64 -16.57
CA THR D 116 29.31 -9.31 -16.36
C THR D 116 28.23 -8.32 -16.66
N ASN D 117 28.23 -7.22 -15.93
CA ASN D 117 27.11 -6.33 -16.06
C ASN D 117 27.23 -5.73 -17.44
N LEU D 118 28.31 -5.00 -17.66
CA LEU D 118 28.21 -4.01 -18.69
C LEU D 118 28.11 -4.70 -20.00
N THR D 119 28.84 -5.80 -20.19
CA THR D 119 28.82 -6.52 -21.46
C THR D 119 27.53 -7.23 -21.78
N SER D 120 26.89 -7.86 -20.79
CA SER D 120 25.64 -8.57 -21.01
C SER D 120 24.51 -7.62 -21.43
N ILE D 121 24.41 -6.51 -20.70
CA ILE D 121 23.47 -5.44 -21.01
C ILE D 121 23.64 -5.02 -22.45
N PHE D 122 24.88 -4.71 -22.83
CA PHE D 122 25.14 -4.31 -24.21
C PHE D 122 24.72 -5.40 -25.21
N ARG D 123 25.04 -6.66 -24.91
CA ARG D 123 24.72 -7.75 -25.83
C ARG D 123 23.22 -7.99 -26.00
N LEU D 124 22.49 -8.06 -24.89
CA LEU D 124 21.06 -8.24 -24.92
C LEU D 124 20.40 -7.05 -25.63
N SER D 125 20.80 -5.85 -25.25
CA SER D 125 20.20 -4.64 -25.81
C SER D 125 20.43 -4.62 -27.31
N LYS D 126 21.66 -4.96 -27.72
CA LYS D 126 22.00 -4.93 -29.13
C LYS D 126 21.16 -5.96 -29.90
N ALA D 127 21.04 -7.17 -29.38
CA ALA D 127 20.25 -8.22 -30.04
C ALA D 127 18.76 -7.86 -30.25
N VAL D 128 18.10 -7.28 -29.25
CA VAL D 128 16.68 -6.92 -29.41
C VAL D 128 16.48 -5.61 -30.23
N LEU D 129 17.52 -4.82 -30.36
CA LEU D 129 17.44 -3.47 -30.95
C LEU D 129 17.16 -3.44 -32.45
N ARG D 130 17.69 -4.40 -33.20
CA ARG D 130 17.51 -4.44 -34.65
C ARG D 130 16.01 -4.56 -34.98
N GLY D 131 15.30 -5.44 -34.27
CA GLY D 131 13.84 -5.56 -34.40
C GLY D 131 13.07 -4.28 -34.02
N MET D 132 13.36 -3.74 -32.84
CA MET D 132 12.70 -2.54 -32.36
C MET D 132 12.89 -1.37 -33.30
N MET D 133 14.10 -1.21 -33.84
CA MET D 133 14.37 -0.08 -34.73
C MET D 133 13.73 -0.25 -36.09
N LYS D 134 13.67 -1.49 -36.57
CA LYS D 134 12.89 -1.81 -37.78
C LYS D 134 11.39 -1.49 -37.57
N LYS D 135 10.88 -1.79 -36.38
CA LYS D 135 9.51 -1.51 -35.95
C LYS D 135 9.22 -0.05 -35.61
N ARG D 136 10.25 0.73 -35.33
CA ARG D 136 10.11 2.07 -34.78
C ARG D 136 9.39 2.09 -33.43
N GLN D 137 9.71 1.11 -32.60
CA GLN D 137 9.02 0.95 -31.34
C GLN D 137 9.83 0.01 -30.45
N GLY D 138 10.20 0.49 -29.28
CA GLY D 138 10.91 -0.34 -28.34
C GLY D 138 11.20 0.41 -27.05
N ARG D 139 11.45 -0.37 -26.02
CA ARG D 139 11.75 0.12 -24.69
C ARG D 139 12.84 -0.75 -24.18
N ILE D 140 13.90 -0.10 -23.72
CA ILE D 140 14.96 -0.77 -23.02
C ILE D 140 15.11 -0.07 -21.68
N ILE D 141 15.05 -0.83 -20.61
CA ILE D 141 15.11 -0.22 -19.29
C ILE D 141 16.15 -0.94 -18.47
N ASN D 142 17.20 -0.23 -18.08
CA ASN D 142 18.26 -0.83 -17.32
C ASN D 142 18.05 -0.53 -15.87
N VAL D 143 17.97 -1.59 -15.06
CA VAL D 143 17.77 -1.43 -13.63
C VAL D 143 19.10 -1.59 -12.91
N GLY D 144 19.58 -0.50 -12.32
CA GLY D 144 20.76 -0.57 -11.46
C GLY D 144 20.56 -1.42 -10.21
N SER D 145 21.66 -1.83 -9.59
CA SER D 145 21.62 -2.68 -8.41
C SER D 145 21.27 -1.88 -7.15
N VAL D 146 20.89 -2.60 -6.11
CA VAL D 146 20.30 -2.00 -4.91
C VAL D 146 21.41 -1.58 -3.95
N VAL D 147 21.28 -0.39 -3.35
CA VAL D 147 22.31 0.09 -2.43
C VAL D 147 22.44 -0.87 -1.24
N ALA D 156 32.60 0.52 -2.47
CA ALA D 156 33.78 0.71 -3.35
C ALA D 156 33.35 0.83 -4.82
N ASN D 157 32.94 -0.30 -5.41
CA ASN D 157 32.61 -0.36 -6.82
C ASN D 157 31.14 -0.20 -7.15
N PHE D 158 30.30 0.17 -6.18
CA PHE D 158 28.87 0.40 -6.43
C PHE D 158 28.65 1.62 -7.30
N ALA D 159 29.34 2.71 -6.99
CA ALA D 159 29.25 3.94 -7.77
C ALA D 159 29.72 3.70 -9.20
N ALA D 160 30.75 2.88 -9.36
CA ALA D 160 31.30 2.57 -10.68
C ALA D 160 30.34 1.74 -11.54
N ALA D 161 29.69 0.77 -10.93
CA ALA D 161 28.73 -0.08 -11.64
C ALA D 161 27.54 0.75 -12.17
N LYS D 162 26.98 1.60 -11.32
CA LYS D 162 25.93 2.57 -11.71
C LYS D 162 26.42 3.59 -12.79
N ALA D 163 27.59 4.16 -12.59
CA ALA D 163 28.15 5.06 -13.60
C ALA D 163 28.15 4.42 -15.02
N GLY D 164 28.54 3.16 -15.06
CA GLY D 164 28.63 2.41 -16.30
C GLY D 164 27.30 2.18 -16.98
N VAL D 165 26.33 1.72 -16.21
CA VAL D 165 24.96 1.51 -16.71
C VAL D 165 24.40 2.82 -17.22
N ILE D 166 24.65 3.89 -16.47
CA ILE D 166 24.13 5.21 -16.86
C ILE D 166 24.78 5.69 -18.14
N GLY D 167 26.09 5.48 -18.27
CA GLY D 167 26.81 5.89 -19.48
C GLY D 167 26.31 5.14 -20.70
N PHE D 168 26.11 3.83 -20.55
CA PHE D 168 25.57 3.04 -21.65
C PHE D 168 24.17 3.51 -22.05
N THR D 169 23.32 3.74 -21.05
CA THR D 169 21.95 4.23 -21.30
C THR D 169 21.94 5.49 -22.13
N LYS D 170 22.72 6.48 -21.72
CA LYS D 170 22.69 7.76 -22.39
C LYS D 170 23.31 7.73 -23.77
N SER D 171 24.40 6.98 -23.96
CA SER D 171 25.01 6.83 -25.30
C SER D 171 24.06 6.14 -26.25
N MET D 172 23.48 5.03 -25.80
CA MET D 172 22.62 4.24 -26.66
C MET D 172 21.31 5.01 -26.93
N ALA D 173 20.79 5.71 -25.91
CA ALA D 173 19.54 6.51 -26.07
C ALA D 173 19.69 7.55 -27.20
N ARG D 174 20.83 8.26 -27.23
CA ARG D 174 21.10 9.24 -28.28
C ARG D 174 21.08 8.62 -29.68
N GLU D 175 21.61 7.40 -29.78
CA GLU D 175 21.78 6.75 -31.08
C GLU D 175 20.48 6.22 -31.68
N VAL D 176 19.57 5.76 -30.84
CA VAL D 176 18.36 5.09 -31.31
C VAL D 176 17.06 5.91 -31.16
N ALA D 177 17.15 7.08 -30.52
CA ALA D 177 15.97 7.90 -30.24
C ALA D 177 15.13 8.21 -31.48
N SER D 178 15.79 8.49 -32.60
CA SER D 178 15.10 8.90 -33.80
C SER D 178 14.27 7.75 -34.40
N ARG D 179 14.61 6.51 -34.05
CA ARG D 179 13.87 5.35 -34.57
C ARG D 179 12.89 4.77 -33.57
N GLY D 180 12.40 5.60 -32.66
CA GLY D 180 11.21 5.28 -31.87
C GLY D 180 11.51 4.36 -30.69
N VAL D 181 12.76 4.28 -30.29
CA VAL D 181 13.15 3.42 -29.20
C VAL D 181 13.71 4.30 -28.13
N THR D 182 13.28 4.06 -26.89
CA THR D 182 13.79 4.80 -25.75
C THR D 182 14.60 3.88 -24.91
N VAL D 183 15.62 4.44 -24.25
CA VAL D 183 16.48 3.68 -23.37
C VAL D 183 16.65 4.47 -22.10
N ASN D 184 16.28 3.88 -20.96
CA ASN D 184 16.28 4.62 -19.71
C ASN D 184 16.87 3.76 -18.60
N THR D 185 17.40 4.42 -17.55
CA THR D 185 17.79 3.72 -16.34
C THR D 185 16.83 4.03 -15.17
N VAL D 186 16.52 3.00 -14.38
CA VAL D 186 15.89 3.19 -13.08
C VAL D 186 16.95 2.88 -12.04
N ALA D 187 17.24 3.84 -11.18
CA ALA D 187 18.32 3.68 -10.17
C ALA D 187 17.69 3.54 -8.76
N PRO D 188 17.67 2.32 -8.21
CA PRO D 188 17.08 2.14 -6.88
C PRO D 188 18.00 2.60 -5.77
N GLY D 189 17.39 3.01 -4.65
CA GLY D 189 18.12 3.18 -3.40
C GLY D 189 18.03 1.87 -2.62
N PHE D 190 17.82 1.99 -1.31
CA PHE D 190 17.76 0.84 -0.42
C PHE D 190 16.40 0.21 -0.48
N ILE D 191 16.31 -0.92 -1.17
CA ILE D 191 15.07 -1.61 -1.34
C ILE D 191 15.09 -2.81 -0.40
N GLU D 192 13.93 -3.14 0.16
CA GLU D 192 13.79 -4.31 1.01
C GLU D 192 13.82 -5.59 0.20
N THR D 193 14.97 -6.30 0.27
CA THR D 193 15.10 -7.67 -0.22
C THR D 193 15.82 -8.60 0.79
N ASP D 194 16.14 -9.82 0.37
CA ASP D 194 16.82 -10.79 1.23
C ASP D 194 18.16 -10.25 1.77
N MET D 195 18.99 -9.73 0.87
CA MET D 195 20.26 -9.07 1.25
C MET D 195 20.12 -8.00 2.36
N THR D 196 19.06 -7.19 2.31
CA THR D 196 18.86 -6.11 3.29
C THR D 196 18.22 -6.58 4.61
N LYS D 197 17.72 -7.81 4.62
CA LYS D 197 17.15 -8.37 5.84
C LYS D 197 18.17 -9.16 6.64
N ASN D 200 23.08 -5.89 11.23
CA ASN D 200 21.69 -6.32 11.37
C ASN D 200 20.75 -5.20 11.83
N ASP D 201 20.29 -5.22 13.09
CA ASP D 201 19.46 -4.16 13.66
C ASP D 201 20.24 -2.87 13.86
N GLU D 202 21.50 -3.03 14.23
CA GLU D 202 22.36 -1.87 14.32
C GLU D 202 22.44 -1.40 12.88
N GLN D 203 22.86 -2.30 12.00
CA GLN D 203 23.17 -1.91 10.63
C GLN D 203 21.94 -1.43 9.81
N ARG D 204 20.77 -1.92 10.17
CA ARG D 204 19.55 -1.56 9.45
C ARG D 204 19.27 -0.06 9.72
N THR D 205 19.05 0.23 11.00
CA THR D 205 18.80 1.59 11.46
C THR D 205 19.90 2.59 11.02
N ALA D 206 21.13 2.08 10.84
CA ALA D 206 22.21 2.88 10.28
C ALA D 206 21.90 3.29 8.84
N THR D 207 21.42 2.34 8.04
CA THR D 207 21.09 2.63 6.63
C THR D 207 19.94 3.61 6.56
N LEU D 208 18.86 3.32 7.27
CA LEU D 208 17.66 4.14 7.26
C LEU D 208 17.93 5.62 7.50
N ALA D 209 18.88 5.92 8.38
CA ALA D 209 19.23 7.31 8.72
C ALA D 209 19.65 8.10 7.49
N GLN D 210 20.18 7.42 6.48
CA GLN D 210 20.62 8.09 5.26
C GLN D 210 19.48 8.35 4.26
N VAL D 211 18.30 7.81 4.53
CA VAL D 211 17.15 7.98 3.66
C VAL D 211 16.18 9.00 4.23
N PRO D 212 16.09 10.17 3.58
CA PRO D 212 15.15 11.21 3.99
C PRO D 212 13.71 10.74 4.12
N ALA D 213 13.28 9.76 3.33
CA ALA D 213 11.92 9.21 3.47
C ALA D 213 11.77 8.35 4.72
N GLY D 214 12.90 7.90 5.27
CA GLY D 214 12.93 7.22 6.57
C GLY D 214 12.41 5.81 6.53
N ARG D 215 12.51 5.16 5.38
CA ARG D 215 12.05 3.78 5.24
C ARG D 215 12.70 3.17 4.01
N LEU D 216 12.70 1.85 3.93
CA LEU D 216 13.20 1.20 2.74
C LEU D 216 12.18 1.25 1.64
N GLY D 217 12.64 1.08 0.41
CA GLY D 217 11.75 0.95 -0.72
C GLY D 217 11.22 -0.45 -0.80
N ASP D 218 10.07 -0.57 -1.45
CA ASP D 218 9.43 -1.83 -1.72
C ASP D 218 9.76 -2.17 -3.17
N PRO D 219 10.03 -3.46 -3.48
CA PRO D 219 10.29 -3.84 -4.88
C PRO D 219 9.16 -3.44 -5.87
N ARG D 220 7.91 -3.37 -5.39
CA ARG D 220 6.81 -2.92 -6.25
C ARG D 220 6.97 -1.47 -6.72
N GLU D 221 7.78 -0.69 -6.00
CA GLU D 221 7.97 0.71 -6.35
C GLU D 221 9.02 0.88 -7.41
N ILE D 222 9.94 -0.08 -7.52
CA ILE D 222 10.89 -0.09 -8.58
C ILE D 222 10.17 -0.54 -9.82
N ALA D 223 9.27 -1.51 -9.64
CA ALA D 223 8.44 -2.06 -10.74
C ALA D 223 7.54 -1.05 -11.36
N SER D 224 6.93 -0.22 -10.51
CA SER D 224 6.06 0.88 -10.95
C SER D 224 6.80 1.84 -11.88
N ALA D 225 8.05 2.14 -11.52
CA ALA D 225 8.85 3.06 -12.31
C ALA D 225 9.16 2.44 -13.67
N VAL D 226 9.59 1.19 -13.64
CA VAL D 226 9.94 0.46 -14.84
C VAL D 226 8.73 0.39 -15.75
N ALA D 227 7.58 0.02 -15.20
CA ALA D 227 6.34 -0.07 -16.01
C ALA D 227 5.91 1.27 -16.61
N PHE D 228 6.10 2.37 -15.87
CA PHE D 228 5.85 3.69 -16.42
C PHE D 228 6.72 3.93 -17.63
N LEU D 229 8.02 3.63 -17.51
CA LEU D 229 8.95 3.89 -18.60
C LEU D 229 8.65 2.99 -19.77
N ALA D 230 8.13 1.79 -19.51
CA ALA D 230 7.76 0.82 -20.56
C ALA D 230 6.46 1.14 -21.31
N SER D 231 5.69 2.13 -20.87
CA SER D 231 4.42 2.44 -21.50
C SER D 231 4.56 3.31 -22.75
N PRO D 232 3.54 3.28 -23.63
CA PRO D 232 3.46 4.22 -24.75
C PRO D 232 3.47 5.69 -24.30
N GLU D 233 2.96 5.98 -23.10
CA GLU D 233 2.90 7.34 -22.59
C GLU D 233 4.28 7.97 -22.30
N ALA D 234 5.27 7.11 -22.03
CA ALA D 234 6.64 7.55 -21.79
C ALA D 234 7.45 7.59 -23.10
N ALA D 235 6.80 7.75 -24.25
CA ALA D 235 7.52 7.76 -25.53
C ALA D 235 8.53 8.90 -25.69
N TYR D 236 8.35 9.97 -24.92
CA TYR D 236 9.20 11.17 -25.12
C TYR D 236 10.23 11.29 -24.03
N ILE D 237 10.39 10.23 -23.25
CA ILE D 237 11.41 10.16 -22.24
C ILE D 237 12.44 9.17 -22.70
N THR D 238 13.64 9.65 -22.95
CA THR D 238 14.74 8.74 -23.23
C THR D 238 16.04 9.34 -22.79
N GLY D 239 16.95 8.49 -22.30
CA GLY D 239 18.26 8.94 -21.81
C GLY D 239 18.22 9.30 -20.34
N GLU D 240 17.13 8.93 -19.69
CA GLU D 240 16.87 9.40 -18.34
C GLU D 240 17.24 8.37 -17.30
N THR D 241 17.66 8.86 -16.15
CA THR D 241 17.87 8.09 -14.95
C THR D 241 16.75 8.42 -13.98
N LEU D 242 15.90 7.46 -13.67
CA LEU D 242 14.77 7.67 -12.77
C LEU D 242 15.14 7.07 -11.42
N HIS D 243 15.50 7.93 -10.47
CA HIS D 243 15.86 7.51 -9.14
C HIS D 243 14.65 7.26 -8.29
N VAL D 244 14.58 6.05 -7.76
CA VAL D 244 13.53 5.65 -6.85
C VAL D 244 14.20 5.34 -5.50
N ASN D 245 14.41 6.37 -4.69
CA ASN D 245 15.28 6.22 -3.51
C ASN D 245 14.94 7.05 -2.27
N GLY D 246 13.69 7.49 -2.12
CA GLY D 246 13.32 8.18 -0.91
C GLY D 246 14.07 9.49 -0.61
N GLY D 247 14.64 10.10 -1.66
CA GLY D 247 15.40 11.35 -1.55
C GLY D 247 16.89 11.21 -1.26
N MET D 248 17.41 10.00 -1.42
CA MET D 248 18.73 9.65 -0.88
C MET D 248 19.91 10.38 -1.50
N TYR D 249 19.94 10.40 -2.82
CA TYR D 249 20.76 11.31 -3.60
C TYR D 249 19.90 12.19 -4.48
PA NAP E . -1.97 -25.55 -3.81
O1A NAP E . -3.22 -24.74 -3.54
O2A NAP E . -1.39 -25.50 -5.20
O5B NAP E . -0.81 -25.23 -2.70
C5B NAP E . -0.95 -24.37 -1.56
C4B NAP E . 0.00 -24.76 -0.41
O4B NAP E . -0.41 -26.00 0.21
C3B NAP E . 1.45 -24.99 -0.85
O3B NAP E . 2.34 -24.34 0.07
C2B NAP E . 1.63 -26.51 -0.82
O2B NAP E . 3.00 -26.91 -0.67
C1B NAP E . 0.71 -26.91 0.33
N9A NAP E . 0.30 -28.36 0.30
C8A NAP E . -0.47 -28.93 -0.64
N7A NAP E . -0.66 -30.24 -0.38
C5A NAP E . 0.00 -30.55 0.74
C6A NAP E . 0.20 -31.78 1.54
N6A NAP E . -0.38 -32.94 1.12
N1A NAP E . 0.96 -31.70 2.66
C2A NAP E . 1.50 -30.52 3.04
N3A NAP E . 1.36 -29.34 2.33
C4A NAP E . 0.64 -29.31 1.19
O3 NAP E . -2.28 -27.10 -3.52
P2B NAP E . 3.99 -26.91 -1.96
O1X NAP E . 5.40 -27.03 -1.43
O2X NAP E . 3.51 -28.07 -2.75
O3X NAP E . 3.72 -25.58 -2.62
S SO4 F . 6.99 -0.74 15.91
O1 SO4 F . 6.54 -0.15 14.63
O2 SO4 F . 6.17 -1.64 16.76
O3 SO4 F . 8.44 -0.75 16.23
O4 SO4 F . 7.08 -1.92 15.02
S SO4 G . 4.16 -15.06 -4.42
O1 SO4 G . 4.82 -13.98 -3.62
O2 SO4 G . 2.71 -14.82 -4.56
O3 SO4 G . 4.77 -15.08 -5.77
O4 SO4 G . 4.40 -16.35 -3.74
S SO4 H . 9.76 -24.39 25.62
O1 SO4 H . 9.08 -24.07 24.34
O2 SO4 H . 9.16 -23.50 26.68
O3 SO4 H . 9.56 -25.79 26.05
O4 SO4 H . 11.21 -24.18 25.44
S SO4 I . -11.32 20.32 -26.17
O1 SO4 I . -9.97 20.98 -26.18
O2 SO4 I . -11.99 20.48 -24.87
O3 SO4 I . -12.12 20.91 -27.25
O4 SO4 I . -11.15 18.86 -26.41
S SO4 J . -8.45 16.84 5.02
O1 SO4 J . -7.33 17.78 5.29
O2 SO4 J . -9.69 17.62 4.83
O3 SO4 J . -8.15 16.03 3.82
O4 SO4 J . -8.65 15.92 6.16
S SO4 K . -5.52 23.27 -25.97
O1 SO4 K . -5.67 24.70 -26.43
O2 SO4 K . -6.73 22.50 -26.36
O3 SO4 K . -4.35 22.59 -26.57
O4 SO4 K . -5.43 23.28 -24.50
S SO4 L . 9.59 -11.94 -3.63
O1 SO4 L . 8.51 -12.15 -2.63
O2 SO4 L . 10.82 -11.20 -3.22
O3 SO4 L . 9.54 -12.69 -4.91
O4 SO4 L . 10.32 -13.12 -3.11
S SO4 M . -7.09 0.74 -15.34
O1 SO4 M . -5.71 0.92 -14.93
O2 SO4 M . -7.98 1.60 -14.51
O3 SO4 M . -7.22 1.11 -16.74
O4 SO4 M . -7.44 -0.68 -15.15
S SO4 N . 18.12 -15.30 -11.33
O1 SO4 N . 18.89 -14.82 -12.52
O2 SO4 N . 16.69 -14.90 -11.44
O3 SO4 N . 18.31 -16.79 -11.27
O4 SO4 N . 18.66 -14.70 -10.09
S SO4 O . 21.06 13.04 -13.83
O1 SO4 O . 21.23 13.97 -14.98
O2 SO4 O . 19.63 12.80 -13.57
O3 SO4 O . 21.70 11.73 -14.17
O4 SO4 O . 21.71 13.67 -12.64
#